data_5NKL
#
_entry.id   5NKL
#
_cell.length_a   108.777
_cell.length_b   108.777
_cell.length_c   90.571
_cell.angle_alpha   90.00
_cell.angle_beta   90.00
_cell.angle_gamma   120.00
#
_symmetry.space_group_name_H-M   'P 31 2 1'
#
loop_
_entity.id
_entity.type
_entity.pdbx_description
1 polymer 'DNA polymerase I, thermostable'
2 polymer "DNA (5'-D(*GP*AP*CP*CP*AP*CP*GP*GP*CP*GP*CP*(DOC))-3')"
3 polymer "DNA (5'-D(*AP*AP*AP*(DNU)P*GP*GP*CP*GP*CP*CP*GP*TP*GP*GP*TP*C)-3')"
4 non-polymer 'MAGNESIUM ION'
5 non-polymer 'ACETATE ION'
6 non-polymer '[[(2~{R},3~{S},5~{R})-5-[4-[(4~{R})-4,5-bis(oxidanyl)pent-1-ynyl]-2-nitro-pyrrol-1-yl]-3-oxidanyl-oxolan-2-yl]methoxy-oxidanyl-phosphoryl] phosphono hydrogen phosphate'
7 non-polymer '[[(2~{R},3~{S},5~{R})-5-[4-[(4~{S})-4,5-bis(oxidanyl)pent-1-ynyl]-2-nitro-pyrrol-1-yl]-3-oxidanyl-oxolan-2-yl]methoxy-oxidanyl-phosphoryl] phosphono hydrogen phosphate'
8 non-polymer GLYCEROL
9 water water
#
loop_
_entity_poly.entity_id
_entity_poly.type
_entity_poly.pdbx_seq_one_letter_code
_entity_poly.pdbx_strand_id
1 'polypeptide(L)'
;ALEEAPWPPPEGAFVGFVLSRKEPMWADLLALAAARGGRVHRAPEPYKALRDLKEARGLLAKDLSVLALREGLGLPPGDD
PMLLAYLLDPSNTTPEGVARRYGGEWTEEAGERAALSERLFANLWGRLEGEERLLWLYREVERPLSAVLAHMEATGVRLD
VAYLRALSLEVAEEIARLEAEVFRLAGHPFNLNSRDQLERVLFDELGLPAIGKTEKTGKRSTSAAVLEALREAHPIVEKI
LQYRELTKLKSTYIDPLPDLIHPRTGRLHTRFNQTATATGRLSSSDPNLQNIPVRTPLGQRIRRAFIAEEGWLLVALDYS
QIELRVLAHLSGDENLIRVFQEGRDIHTETASWMFGVPREAVDPLMRRAAKTINFGVLYGMSAHRLSQELAIPYEEAQAF
IERYFQSFPKVRAWIEKTLEEGRRRGYVETLFGRRRYVPDLEARVKSVREAAERMAFNMPVQGTAADLMKLAMVKLFPRL
EEMGARMLLQVHDELVLEAPKERAEAVARLAKEVMEGVYPLAVPLEVEVGIGEDWLSAKE
;
A
2 'polydeoxyribonucleotide' (DG)(DA)(DC)(DC)(DA)(DC)(DG)(DG)(DC)(DG)(DC)(DOC) B
3 'polydeoxyribonucleotide' (DA)(DA)(DA)(91N)(DG)(DG)(DC)(DG)(DC)(DC)(DG)(DT)(DG)(DG)(DT)(DC) C
#
loop_
_chem_comp.id
_chem_comp.type
_chem_comp.name
_chem_comp.formula
91N non-polymer '[(2~{R},3~{S},5~{R})-3-oxidanyl-5-(7-thiophen-2-ylimidazo[4,5-b]pyridin-3-yl)oxolan-2-yl]methyl dihydrogen phosphate' 'C15 H16 N3 O6 P S'
91R non-polymer '[[(2~{R},3~{S},5~{R})-5-[4-[(4~{S})-4,5-bis(oxidanyl)pent-1-ynyl]-2-nitro-pyrrol-1-yl]-3-oxidanyl-oxolan-2-yl]methoxy-oxidanyl-phosphoryl] phosphono hydrogen phosphate' 'C14 H21 N2 O16 P3'
91T non-polymer '[[(2~{R},3~{S},5~{R})-5-[4-[(4~{R})-4,5-bis(oxidanyl)pent-1-ynyl]-2-nitro-pyrrol-1-yl]-3-oxidanyl-oxolan-2-yl]methoxy-oxidanyl-phosphoryl] phosphono hydrogen phosphate' 'C14 H21 N2 O16 P3'
ACT non-polymer 'ACETATE ION' 'C2 H3 O2 -1'
DA DNA linking 2'-DEOXYADENOSINE-5'-MONOPHOSPHATE 'C10 H14 N5 O6 P'
DC DNA linking 2'-DEOXYCYTIDINE-5'-MONOPHOSPHATE 'C9 H14 N3 O7 P'
DG DNA linking 2'-DEOXYGUANOSINE-5'-MONOPHOSPHATE 'C10 H14 N5 O7 P'
DOC DNA linking 2',3'-DIDEOXYCYTIDINE-5'-MONOPHOSPHATE 'C9 H14 N3 O6 P'
DT DNA linking THYMIDINE-5'-MONOPHOSPHATE 'C10 H15 N2 O8 P'
GOL non-polymer GLYCEROL 'C3 H8 O3'
MG non-polymer 'MAGNESIUM ION' 'Mg 2'
#
# COMPACT_ATOMS: atom_id res chain seq x y z
N ALA A 1 -33.64 -15.59 -18.17
CA ALA A 1 -32.84 -16.73 -17.73
C ALA A 1 -31.99 -17.24 -18.88
N LEU A 2 -30.68 -17.23 -18.69
CA LEU A 2 -29.76 -17.57 -19.78
C LEU A 2 -29.98 -19.01 -20.22
N GLU A 3 -29.88 -19.21 -21.53
CA GLU A 3 -29.90 -20.54 -22.11
C GLU A 3 -28.60 -21.26 -21.77
N GLU A 4 -28.70 -22.37 -21.04
CA GLU A 4 -27.54 -23.21 -20.78
C GLU A 4 -26.99 -23.73 -22.10
N ALA A 5 -25.75 -23.36 -22.41
CA ALA A 5 -25.08 -23.79 -23.64
C ALA A 5 -23.83 -24.56 -23.29
N PRO A 6 -23.32 -25.38 -24.20
CA PRO A 6 -22.19 -26.24 -23.86
C PRO A 6 -20.87 -25.47 -23.83
N TRP A 7 -19.99 -25.90 -22.94
CA TRP A 7 -18.62 -25.39 -22.94
C TRP A 7 -17.92 -25.85 -24.22
N PRO A 8 -17.07 -25.01 -24.84
CA PRO A 8 -16.58 -23.67 -24.46
C PRO A 8 -17.39 -22.44 -24.93
N PRO A 9 -17.11 -21.27 -24.37
CA PRO A 9 -17.82 -20.04 -24.77
C PRO A 9 -17.13 -19.38 -25.94
N PRO A 10 -17.83 -18.50 -26.66
CA PRO A 10 -17.19 -17.75 -27.74
C PRO A 10 -16.12 -16.82 -27.19
N GLU A 11 -15.28 -16.32 -28.11
CA GLU A 11 -14.37 -15.23 -27.79
C GLU A 11 -15.11 -14.07 -27.14
N GLY A 12 -14.46 -13.43 -26.17
CA GLY A 12 -15.00 -12.26 -25.50
C GLY A 12 -16.06 -12.51 -24.45
N ALA A 13 -16.42 -13.77 -24.16
CA ALA A 13 -17.38 -14.07 -23.10
C ALA A 13 -16.86 -13.55 -21.77
N PHE A 14 -17.80 -13.26 -20.87
CA PHE A 14 -17.50 -12.84 -19.51
C PHE A 14 -17.41 -14.04 -18.58
N VAL A 15 -16.39 -14.08 -17.77
CA VAL A 15 -16.09 -15.27 -17.00
C VAL A 15 -16.59 -15.08 -15.57
N GLY A 16 -16.96 -16.19 -14.96
CA GLY A 16 -17.22 -16.23 -13.54
C GLY A 16 -16.52 -17.45 -12.98
N PHE A 17 -16.06 -17.35 -11.74
CA PHE A 17 -15.30 -18.44 -11.16
C PHE A 17 -15.42 -18.42 -9.65
N VAL A 18 -15.23 -19.59 -9.07
CA VAL A 18 -15.35 -19.80 -7.64
C VAL A 18 -14.09 -20.46 -7.14
N LEU A 19 -13.46 -19.84 -6.13
CA LEU A 19 -12.23 -20.30 -5.51
C LEU A 19 -12.51 -20.88 -4.13
N SER A 20 -11.68 -21.85 -3.76
CA SER A 20 -11.78 -22.45 -2.45
C SER A 20 -11.41 -21.48 -1.34
N ARG A 21 -10.66 -20.42 -1.66
CA ARG A 21 -10.22 -19.43 -0.70
C ARG A 21 -9.81 -18.20 -1.49
N LYS A 22 -9.70 -17.08 -0.80
CA LYS A 22 -9.59 -15.82 -1.51
C LYS A 22 -8.25 -15.67 -2.25
N GLU A 23 -7.17 -16.31 -1.76
CA GLU A 23 -5.82 -16.13 -2.33
C GLU A 23 -5.66 -16.94 -3.62
N PRO A 24 -5.56 -16.31 -4.79
CA PRO A 24 -5.45 -17.13 -6.03
C PRO A 24 -4.28 -18.08 -6.09
N MET A 25 -3.11 -17.74 -5.52
CA MET A 25 -2.01 -18.71 -5.58
C MET A 25 -2.26 -19.93 -4.73
N TRP A 26 -3.20 -19.86 -3.78
CA TRP A 26 -3.45 -20.99 -2.90
C TRP A 26 -4.77 -21.68 -3.19
N ALA A 27 -5.61 -21.06 -4.00
CA ALA A 27 -6.96 -21.55 -4.16
C ALA A 27 -7.06 -22.78 -5.07
N ASP A 28 -8.03 -23.61 -4.75
CA ASP A 28 -8.58 -24.58 -5.67
C ASP A 28 -9.64 -23.90 -6.52
N LEU A 29 -9.55 -24.08 -7.83
CA LEU A 29 -10.55 -23.57 -8.77
C LEU A 29 -11.75 -24.53 -8.77
N LEU A 30 -12.80 -24.16 -8.04
CA LEU A 30 -13.90 -25.10 -7.84
C LEU A 30 -14.79 -25.19 -9.07
N ALA A 31 -15.05 -24.05 -9.71
CA ALA A 31 -15.97 -24.01 -10.84
C ALA A 31 -15.63 -22.81 -11.68
N LEU A 32 -15.91 -22.94 -12.99
CA LEU A 32 -15.62 -21.97 -14.03
C LEU A 32 -16.79 -21.91 -14.98
N ALA A 33 -17.14 -20.71 -15.42
CA ALA A 33 -18.28 -20.53 -16.30
C ALA A 33 -18.09 -19.24 -17.07
N ALA A 34 -18.91 -19.05 -18.10
CA ALA A 34 -18.80 -17.85 -18.89
C ALA A 34 -20.16 -17.53 -19.52
N ALA A 35 -20.28 -16.31 -20.01
CA ALA A 35 -21.59 -15.80 -20.39
C ALA A 35 -21.42 -14.83 -21.54
N ARG A 36 -22.24 -14.97 -22.57
CA ARG A 36 -22.26 -14.02 -23.68
C ARG A 36 -23.47 -14.31 -24.55
N GLY A 37 -23.96 -13.25 -25.21
CA GLY A 37 -25.01 -13.45 -26.21
C GLY A 37 -26.22 -14.18 -25.68
N GLY A 38 -26.56 -13.95 -24.42
CA GLY A 38 -27.69 -14.60 -23.79
C GLY A 38 -27.47 -16.04 -23.42
N ARG A 39 -26.23 -16.52 -23.40
CA ARG A 39 -25.93 -17.88 -23.01
C ARG A 39 -25.09 -17.88 -21.74
N VAL A 40 -25.12 -19.01 -21.05
CA VAL A 40 -24.19 -19.30 -19.96
C VAL A 40 -23.55 -20.64 -20.26
N HIS A 41 -22.23 -20.69 -20.19
CA HIS A 41 -21.47 -21.91 -20.43
C HIS A 41 -20.84 -22.36 -19.12
N ARG A 42 -21.21 -23.53 -18.62
CA ARG A 42 -20.63 -24.07 -17.42
C ARG A 42 -19.61 -25.15 -17.75
N ALA A 43 -18.41 -24.98 -17.25
CA ALA A 43 -17.33 -25.87 -17.64
C ALA A 43 -17.47 -27.20 -16.90
N PRO A 44 -17.43 -28.34 -17.58
CA PRO A 44 -17.52 -29.60 -16.87
C PRO A 44 -16.36 -29.81 -15.90
N GLU A 45 -15.13 -29.51 -16.31
CA GLU A 45 -13.96 -29.61 -15.43
C GLU A 45 -13.20 -28.29 -15.50
N PRO A 46 -13.17 -27.50 -14.42
CA PRO A 46 -12.71 -26.11 -14.57
C PRO A 46 -11.23 -25.96 -14.91
N TYR A 47 -10.33 -26.77 -14.36
CA TYR A 47 -8.92 -26.55 -14.67
C TYR A 47 -8.68 -26.74 -16.16
N LYS A 48 -9.18 -27.83 -16.74
CA LYS A 48 -9.01 -28.05 -18.17
C LYS A 48 -9.67 -26.93 -18.97
N ALA A 49 -10.82 -26.45 -18.48
CA ALA A 49 -11.56 -25.40 -19.19
C ALA A 49 -10.78 -24.09 -19.27
N LEU A 50 -9.90 -23.81 -18.29
CA LEU A 50 -9.08 -22.60 -18.35
C LEU A 50 -8.39 -22.46 -19.69
N ARG A 51 -7.89 -23.56 -20.25
CA ARG A 51 -7.10 -23.51 -21.48
C ARG A 51 -7.89 -22.97 -22.65
N ASP A 52 -9.22 -23.04 -22.60
CA ASP A 52 -10.02 -22.59 -23.74
C ASP A 52 -10.18 -21.08 -23.80
N LEU A 53 -9.75 -20.36 -22.76
CA LEU A 53 -9.96 -18.93 -22.65
C LEU A 53 -8.73 -18.16 -23.13
N LYS A 54 -8.98 -17.08 -23.87
CA LYS A 54 -7.89 -16.22 -24.33
C LYS A 54 -7.64 -15.08 -23.37
N GLU A 55 -8.59 -14.80 -22.48
CA GLU A 55 -8.56 -13.62 -21.64
C GLU A 55 -9.55 -13.80 -20.50
N ALA A 56 -9.16 -13.38 -19.29
CA ALA A 56 -10.08 -13.31 -18.15
C ALA A 56 -10.79 -11.96 -18.16
N ARG A 57 -12.06 -11.97 -18.49
CA ARG A 57 -12.87 -10.76 -18.58
C ARG A 57 -14.05 -10.91 -17.63
N GLY A 58 -14.08 -10.14 -16.56
CA GLY A 58 -15.16 -10.27 -15.60
C GLY A 58 -14.74 -9.83 -14.20
N LEU A 59 -15.67 -9.98 -13.26
CA LEU A 59 -15.36 -9.58 -11.89
C LEU A 59 -14.10 -10.32 -11.42
N LEU A 60 -13.18 -9.59 -10.75
CA LEU A 60 -11.95 -10.15 -10.14
C LEU A 60 -11.09 -10.88 -11.19
N ALA A 61 -11.09 -10.34 -12.40
CA ALA A 61 -10.32 -10.94 -13.50
C ALA A 61 -8.88 -11.23 -13.11
N LYS A 62 -8.22 -10.28 -12.48
CA LYS A 62 -6.80 -10.48 -12.13
C LYS A 62 -6.60 -11.72 -11.26
N ASP A 63 -7.52 -12.00 -10.33
CA ASP A 63 -7.35 -13.17 -9.47
C ASP A 63 -7.32 -14.45 -10.30
N LEU A 64 -8.26 -14.60 -11.24
CA LEU A 64 -8.24 -15.80 -12.08
C LEU A 64 -7.01 -15.84 -12.96
N SER A 65 -6.55 -14.68 -13.44
N SER A 65 -6.54 -14.69 -13.43
CA SER A 65 -5.32 -14.68 -14.24
CA SER A 65 -5.33 -14.69 -14.25
C SER A 65 -4.13 -15.18 -13.44
C SER A 65 -4.11 -15.14 -13.45
N VAL A 66 -4.02 -14.75 -12.18
CA VAL A 66 -2.93 -15.20 -11.33
C VAL A 66 -3.00 -16.71 -11.19
N LEU A 67 -4.22 -17.25 -11.02
CA LEU A 67 -4.35 -18.68 -10.85
C LEU A 67 -3.96 -19.39 -12.13
N ALA A 68 -4.32 -18.81 -13.28
CA ALA A 68 -3.92 -19.39 -14.56
C ALA A 68 -2.40 -19.40 -14.69
N LEU A 69 -1.77 -18.28 -14.40
CA LEU A 69 -0.31 -18.21 -14.38
C LEU A 69 0.28 -19.26 -13.48
N ARG A 70 -0.27 -19.44 -12.29
CA ARG A 70 0.24 -20.50 -11.42
C ARG A 70 0.25 -21.85 -12.15
N GLU A 71 -0.73 -22.09 -13.00
CA GLU A 71 -0.85 -23.33 -13.76
C GLU A 71 -0.10 -23.28 -15.08
N GLY A 72 0.71 -22.24 -15.29
CA GLY A 72 1.49 -22.17 -16.53
C GLY A 72 0.75 -21.69 -17.74
N LEU A 73 -0.45 -21.13 -17.59
CA LEU A 73 -1.24 -20.62 -18.70
C LEU A 73 -1.17 -19.10 -18.78
N GLY A 74 -1.03 -18.58 -20.00
CA GLY A 74 -1.04 -17.15 -20.21
C GLY A 74 -2.45 -16.65 -20.50
N LEU A 75 -3.14 -16.26 -19.44
CA LEU A 75 -4.54 -15.86 -19.52
C LEU A 75 -4.60 -14.45 -18.95
N PRO A 76 -4.34 -13.43 -19.77
CA PRO A 76 -4.24 -12.07 -19.24
C PRO A 76 -5.60 -11.56 -18.81
N PRO A 77 -5.68 -10.77 -17.75
CA PRO A 77 -6.97 -10.13 -17.41
C PRO A 77 -7.29 -8.98 -18.33
N GLY A 78 -8.57 -8.89 -18.69
CA GLY A 78 -9.09 -7.78 -19.49
C GLY A 78 -10.08 -6.99 -18.66
N ASP A 79 -11.20 -6.63 -19.25
CA ASP A 79 -12.19 -5.80 -18.56
C ASP A 79 -12.58 -6.43 -17.24
N ASP A 80 -12.87 -5.57 -16.23
CA ASP A 80 -13.30 -6.08 -14.95
C ASP A 80 -14.25 -5.01 -14.41
N PRO A 81 -15.55 -5.29 -14.24
CA PRO A 81 -16.45 -4.23 -13.74
C PRO A 81 -16.04 -3.65 -12.36
N MET A 82 -15.23 -4.37 -11.56
CA MET A 82 -14.74 -3.75 -10.32
C MET A 82 -13.89 -2.52 -10.60
N LEU A 83 -13.07 -2.55 -11.64
CA LEU A 83 -12.22 -1.39 -11.95
C LEU A 83 -13.02 -0.20 -12.43
N LEU A 84 -14.07 -0.44 -13.21
CA LEU A 84 -14.95 0.62 -13.63
C LEU A 84 -15.62 1.23 -12.41
N ALA A 85 -16.18 0.37 -11.54
CA ALA A 85 -16.88 0.86 -10.36
C ALA A 85 -15.94 1.62 -9.44
N TYR A 86 -14.69 1.12 -9.33
CA TYR A 86 -13.72 1.74 -8.43
C TYR A 86 -13.34 3.12 -8.91
N LEU A 87 -13.22 3.29 -10.23
CA LEU A 87 -12.94 4.62 -10.78
C LEU A 87 -14.15 5.57 -10.64
N LEU A 88 -15.37 5.07 -10.81
CA LEU A 88 -16.54 5.90 -10.55
C LEU A 88 -16.56 6.37 -9.10
N ASP A 89 -16.19 5.52 -8.14
CA ASP A 89 -16.29 5.85 -6.72
C ASP A 89 -15.40 4.89 -5.96
N PRO A 90 -14.26 5.33 -5.45
CA PRO A 90 -13.34 4.36 -4.85
C PRO A 90 -13.88 3.73 -3.58
N SER A 91 -15.05 4.15 -3.06
CA SER A 91 -15.66 3.33 -2.02
C SER A 91 -16.21 2.03 -2.56
N ASN A 92 -16.22 1.85 -3.88
CA ASN A 92 -16.62 0.59 -4.50
C ASN A 92 -15.46 -0.38 -4.43
N THR A 93 -15.41 -1.22 -3.39
CA THR A 93 -14.25 -2.07 -3.16
C THR A 93 -14.53 -3.56 -3.15
N THR A 94 -15.79 -3.99 -3.06
CA THR A 94 -16.11 -5.41 -3.01
C THR A 94 -17.09 -5.80 -4.12
N PRO A 95 -17.06 -7.03 -4.55
CA PRO A 95 -18.07 -7.48 -5.51
C PRO A 95 -19.46 -7.50 -4.89
N GLU A 96 -19.57 -7.79 -3.61
CA GLU A 96 -20.88 -7.76 -2.97
C GLU A 96 -21.50 -6.39 -3.13
N GLY A 97 -20.75 -5.35 -2.75
CA GLY A 97 -21.31 -3.99 -2.80
C GLY A 97 -21.52 -3.51 -4.23
N VAL A 98 -20.58 -3.81 -5.12
CA VAL A 98 -20.71 -3.35 -6.49
C VAL A 98 -21.93 -3.99 -7.14
N ALA A 99 -22.12 -5.30 -6.91
CA ALA A 99 -23.30 -5.99 -7.43
C ALA A 99 -24.57 -5.33 -6.92
N ARG A 100 -24.65 -5.11 -5.62
CA ARG A 100 -25.87 -4.50 -5.09
C ARG A 100 -26.11 -3.13 -5.70
N ARG A 101 -25.04 -2.38 -5.95
CA ARG A 101 -25.21 -1.00 -6.39
C ARG A 101 -25.56 -0.92 -7.87
N TYR A 102 -25.06 -1.82 -8.71
CA TYR A 102 -25.15 -1.64 -10.16
C TYR A 102 -25.90 -2.77 -10.88
N GLY A 103 -26.52 -3.70 -10.16
CA GLY A 103 -27.60 -4.46 -10.75
C GLY A 103 -27.60 -5.97 -10.61
N GLY A 104 -27.29 -6.49 -9.42
CA GLY A 104 -27.27 -7.94 -9.26
C GLY A 104 -26.87 -8.31 -7.86
N GLU A 105 -26.55 -9.59 -7.71
CA GLU A 105 -26.18 -10.17 -6.43
C GLU A 105 -24.97 -11.06 -6.63
N TRP A 106 -23.95 -10.84 -5.83
CA TRP A 106 -22.75 -11.69 -5.82
C TRP A 106 -23.05 -12.95 -5.02
N THR A 107 -23.19 -14.08 -5.71
CA THR A 107 -23.47 -15.38 -5.15
C THR A 107 -22.21 -16.24 -5.17
N GLU A 108 -22.38 -17.55 -4.99
CA GLU A 108 -21.25 -18.48 -4.86
C GLU A 108 -21.25 -19.52 -5.98
N GLU A 109 -21.78 -19.15 -7.14
CA GLU A 109 -21.95 -20.05 -8.27
C GLU A 109 -21.38 -19.38 -9.50
N ALA A 110 -20.49 -20.08 -10.21
CA ALA A 110 -19.73 -19.45 -11.29
C ALA A 110 -20.64 -18.93 -12.40
N GLY A 111 -21.63 -19.71 -12.82
CA GLY A 111 -22.50 -19.26 -13.90
C GLY A 111 -23.18 -17.94 -13.57
N GLU A 112 -23.70 -17.81 -12.36
CA GLU A 112 -24.35 -16.56 -11.95
C GLU A 112 -23.33 -15.44 -11.88
N ARG A 113 -22.10 -15.75 -11.41
CA ARG A 113 -21.03 -14.77 -11.42
C ARG A 113 -20.68 -14.35 -12.83
N ALA A 114 -20.71 -15.28 -13.77
CA ALA A 114 -20.44 -14.91 -15.16
C ALA A 114 -21.55 -14.01 -15.71
N ALA A 115 -22.80 -14.39 -15.44
CA ALA A 115 -23.93 -13.58 -15.88
C ALA A 115 -23.90 -12.21 -15.25
N LEU A 116 -23.53 -12.16 -13.96
CA LEU A 116 -23.43 -10.90 -13.22
C LEU A 116 -22.31 -10.04 -13.78
N SER A 117 -21.13 -10.62 -14.00
CA SER A 117 -20.06 -9.89 -14.67
C SER A 117 -20.57 -9.25 -15.96
N GLU A 118 -21.33 -10.00 -16.75
CA GLU A 118 -21.76 -9.45 -18.04
C GLU A 118 -22.72 -8.28 -17.84
N ARG A 119 -23.70 -8.42 -16.93
CA ARG A 119 -24.67 -7.34 -16.75
C ARG A 119 -24.02 -6.12 -16.14
N LEU A 120 -23.19 -6.32 -15.12
CA LEU A 120 -22.54 -5.20 -14.44
C LEU A 120 -21.65 -4.43 -15.41
N PHE A 121 -20.96 -5.14 -16.30
CA PHE A 121 -20.13 -4.44 -17.25
C PHE A 121 -20.96 -3.58 -18.19
N ALA A 122 -22.05 -4.11 -18.72
CA ALA A 122 -22.93 -3.25 -19.50
C ALA A 122 -23.30 -2.01 -18.70
N ASN A 123 -23.80 -2.20 -17.50
CA ASN A 123 -24.34 -1.03 -16.79
C ASN A 123 -23.22 -0.04 -16.43
N LEU A 124 -22.11 -0.54 -15.90
CA LEU A 124 -21.02 0.37 -15.50
C LEU A 124 -20.41 1.09 -16.71
N TRP A 125 -20.22 0.37 -17.81
CA TRP A 125 -19.76 1.02 -19.02
C TRP A 125 -20.70 2.15 -19.43
N GLY A 126 -22.00 1.98 -19.20
CA GLY A 126 -22.93 3.08 -19.45
C GLY A 126 -22.68 4.26 -18.55
N ARG A 127 -22.48 4.01 -17.26
CA ARG A 127 -22.24 5.09 -16.33
C ARG A 127 -20.96 5.86 -16.65
N LEU A 128 -20.03 5.25 -17.37
CA LEU A 128 -18.76 5.89 -17.68
C LEU A 128 -18.75 6.50 -19.07
N GLU A 129 -19.82 6.36 -19.86
CA GLU A 129 -19.91 7.11 -21.10
C GLU A 129 -19.80 8.60 -20.80
N GLY A 130 -18.81 9.25 -21.38
CA GLY A 130 -18.68 10.67 -21.23
C GLY A 130 -17.86 11.10 -20.04
N GLU A 131 -17.42 10.16 -19.21
CA GLU A 131 -16.46 10.49 -18.18
C GLU A 131 -15.09 10.23 -18.79
N GLU A 132 -14.69 11.16 -19.65
CA GLU A 132 -13.54 10.93 -20.53
C GLU A 132 -12.26 10.68 -19.73
N ARG A 133 -12.07 11.40 -18.63
CA ARG A 133 -10.83 11.20 -17.90
C ARG A 133 -10.84 9.89 -17.12
N LEU A 134 -11.98 9.53 -16.55
CA LEU A 134 -12.08 8.22 -15.90
C LEU A 134 -11.88 7.10 -16.91
N LEU A 135 -12.44 7.24 -18.11
CA LEU A 135 -12.24 6.19 -19.12
C LEU A 135 -10.78 6.07 -19.51
N TRP A 136 -10.07 7.19 -19.57
CA TRP A 136 -8.63 7.18 -19.83
C TRP A 136 -7.89 6.46 -18.71
N LEU A 137 -8.18 6.78 -17.44
CA LEU A 137 -7.58 6.03 -16.35
C LEU A 137 -7.84 4.53 -16.50
N TYR A 138 -9.04 4.16 -16.92
CA TYR A 138 -9.34 2.74 -17.07
C TYR A 138 -8.51 2.13 -18.18
N ARG A 139 -8.52 2.75 -19.37
N ARG A 139 -8.55 2.73 -19.39
CA ARG A 139 -7.87 2.14 -20.54
CA ARG A 139 -7.88 2.16 -20.55
C ARG A 139 -6.36 2.26 -20.49
C ARG A 139 -6.36 2.23 -20.39
N GLU A 140 -5.85 3.38 -19.96
CA GLU A 140 -4.42 3.63 -19.93
C GLU A 140 -3.74 3.29 -18.60
N VAL A 141 -4.48 3.14 -17.50
CA VAL A 141 -3.82 2.80 -16.23
C VAL A 141 -4.38 1.51 -15.67
N GLU A 142 -5.62 1.53 -15.17
CA GLU A 142 -6.07 0.40 -14.36
C GLU A 142 -6.13 -0.92 -15.15
N ARG A 143 -6.80 -0.92 -16.31
CA ARG A 143 -6.95 -2.20 -17.01
C ARG A 143 -5.61 -2.82 -17.37
N PRO A 144 -4.67 -2.12 -17.98
CA PRO A 144 -3.33 -2.73 -18.20
C PRO A 144 -2.57 -2.97 -16.92
N LEU A 145 -2.75 -2.14 -15.87
CA LEU A 145 -2.03 -2.42 -14.63
C LEU A 145 -2.40 -3.80 -14.12
N SER A 146 -3.66 -4.22 -14.33
CA SER A 146 -4.07 -5.49 -13.73
C SER A 146 -3.25 -6.64 -14.29
N ALA A 147 -2.84 -6.55 -15.56
CA ALA A 147 -1.94 -7.55 -16.13
C ALA A 147 -0.61 -7.59 -15.39
N VAL A 148 -0.05 -6.40 -15.16
CA VAL A 148 1.22 -6.29 -14.43
C VAL A 148 1.09 -6.92 -13.06
N LEU A 149 0.03 -6.58 -12.32
CA LEU A 149 -0.11 -7.09 -10.96
C LEU A 149 -0.23 -8.60 -10.96
N ALA A 150 -0.94 -9.16 -11.96
CA ALA A 150 -1.06 -10.61 -12.02
C ALA A 150 0.30 -11.26 -12.16
N HIS A 151 1.18 -10.68 -12.97
CA HIS A 151 2.53 -11.24 -13.10
C HIS A 151 3.33 -11.08 -11.82
N MET A 152 3.26 -9.92 -11.17
CA MET A 152 3.91 -9.77 -9.88
C MET A 152 3.41 -10.80 -8.88
N GLU A 153 2.10 -10.92 -8.74
CA GLU A 153 1.54 -11.87 -7.78
C GLU A 153 2.03 -13.28 -8.05
N ALA A 154 2.04 -13.69 -9.30
CA ALA A 154 2.38 -15.06 -9.65
C ALA A 154 3.84 -15.33 -9.57
N THR A 155 4.67 -14.29 -9.68
CA THR A 155 6.11 -14.47 -9.64
C THR A 155 6.62 -14.65 -8.22
N GLY A 156 6.09 -13.87 -7.27
CA GLY A 156 6.53 -13.93 -5.88
C GLY A 156 7.95 -13.41 -5.66
N VAL A 157 8.40 -13.60 -4.43
CA VAL A 157 9.71 -13.12 -4.00
C VAL A 157 10.34 -14.21 -3.15
N ARG A 158 11.65 -14.35 -3.28
CA ARG A 158 12.40 -15.34 -2.53
C ARG A 158 12.70 -14.84 -1.12
N LEU A 159 12.69 -15.78 -0.20
CA LEU A 159 12.85 -15.49 1.22
C LEU A 159 13.86 -16.47 1.80
N ASP A 160 14.76 -15.96 2.65
CA ASP A 160 15.73 -16.79 3.36
C ASP A 160 15.08 -17.40 4.60
N VAL A 161 14.42 -18.53 4.38
CA VAL A 161 13.66 -19.20 5.42
C VAL A 161 14.57 -19.62 6.56
N ALA A 162 15.64 -20.36 6.24
CA ALA A 162 16.52 -20.86 7.30
C ALA A 162 16.98 -19.73 8.19
N TYR A 163 17.26 -18.58 7.59
CA TYR A 163 17.75 -17.43 8.32
C TYR A 163 16.69 -16.96 9.29
N LEU A 164 15.43 -16.96 8.84
CA LEU A 164 14.35 -16.50 9.72
C LEU A 164 14.05 -17.50 10.84
N ARG A 165 14.06 -18.80 10.51
CA ARG A 165 13.90 -19.81 11.54
C ARG A 165 14.95 -19.62 12.64
N ALA A 166 16.19 -19.35 12.28
CA ALA A 166 17.23 -19.13 13.29
C ALA A 166 16.94 -17.88 14.08
N LEU A 167 16.52 -16.82 13.38
CA LEU A 167 16.22 -15.57 14.07
C LEU A 167 15.09 -15.74 15.08
N SER A 168 14.05 -16.51 14.74
CA SER A 168 12.97 -16.74 15.70
C SER A 168 13.49 -17.23 17.06
N LEU A 169 14.36 -18.22 17.02
CA LEU A 169 14.85 -18.84 18.26
C LEU A 169 15.65 -17.86 19.10
N GLU A 170 16.44 -17.00 18.44
CA GLU A 170 17.17 -15.95 19.13
C GLU A 170 16.23 -14.93 19.76
N VAL A 171 15.26 -14.42 18.99
CA VAL A 171 14.34 -13.42 19.52
C VAL A 171 13.48 -14.01 20.62
N ALA A 172 13.13 -15.29 20.52
CA ALA A 172 12.38 -15.94 21.58
C ALA A 172 13.11 -15.81 22.93
N GLU A 173 14.43 -16.05 22.96
CA GLU A 173 15.13 -15.99 24.24
C GLU A 173 15.15 -14.58 24.82
N GLU A 174 15.33 -13.57 23.95
CA GLU A 174 15.33 -12.18 24.41
C GLU A 174 13.93 -11.75 24.88
N ILE A 175 12.88 -12.22 24.22
CA ILE A 175 11.54 -11.89 24.71
C ILE A 175 11.34 -12.44 26.13
N ALA A 176 11.87 -13.64 26.40
CA ALA A 176 11.75 -14.23 27.73
C ALA A 176 12.54 -13.41 28.74
N ARG A 177 13.73 -12.94 28.36
CA ARG A 177 14.46 -12.01 29.25
C ARG A 177 13.62 -10.76 29.57
N LEU A 178 13.00 -10.15 28.56
CA LEU A 178 12.22 -8.93 28.83
C LEU A 178 10.97 -9.24 29.64
N GLU A 179 10.25 -10.32 29.32
CA GLU A 179 8.99 -10.56 30.04
C GLU A 179 9.27 -10.92 31.49
N ALA A 180 10.33 -11.70 31.73
CA ALA A 180 10.66 -12.07 33.10
C ALA A 180 10.96 -10.83 33.91
N GLU A 181 11.61 -9.85 33.30
CA GLU A 181 11.92 -8.61 33.99
C GLU A 181 10.65 -7.83 34.29
N VAL A 182 9.72 -7.81 33.34
CA VAL A 182 8.48 -7.08 33.53
C VAL A 182 7.67 -7.69 34.66
N PHE A 183 7.63 -9.03 34.74
CA PHE A 183 6.83 -9.67 35.78
C PHE A 183 7.43 -9.44 37.16
N ARG A 184 8.76 -9.41 37.24
CA ARG A 184 9.38 -9.04 38.51
C ARG A 184 9.02 -7.61 38.86
N LEU A 185 9.18 -6.69 37.90
CA LEU A 185 8.92 -5.29 38.21
C LEU A 185 7.46 -5.08 38.60
N ALA A 186 6.55 -5.83 38.01
CA ALA A 186 5.15 -5.76 38.41
C ALA A 186 4.86 -6.48 39.72
N GLY A 187 5.83 -7.26 40.21
CA GLY A 187 5.60 -8.11 41.37
C GLY A 187 4.78 -9.34 41.09
N HIS A 188 4.41 -9.62 39.85
CA HIS A 188 3.64 -10.81 39.56
C HIS A 188 3.58 -11.00 38.04
N PRO A 189 3.33 -12.22 37.60
CA PRO A 189 3.11 -12.44 36.17
C PRO A 189 1.69 -12.07 35.75
N PHE A 190 1.53 -11.84 34.46
CA PHE A 190 0.21 -11.58 33.86
C PHE A 190 0.44 -11.69 32.36
N ASN A 191 -0.64 -11.63 31.58
CA ASN A 191 -0.49 -11.73 30.13
C ASN A 191 -0.04 -10.38 29.62
N LEU A 192 1.26 -10.24 29.40
CA LEU A 192 1.81 -8.98 28.91
C LEU A 192 1.32 -8.61 27.50
N ASN A 193 0.77 -9.57 26.76
CA ASN A 193 0.14 -9.26 25.48
C ASN A 193 -1.26 -8.67 25.63
N SER A 194 -1.83 -8.69 26.84
CA SER A 194 -3.18 -8.16 27.02
C SER A 194 -3.08 -6.71 27.46
N ARG A 195 -3.50 -5.79 26.61
CA ARG A 195 -3.39 -4.40 26.98
C ARG A 195 -4.33 -4.07 28.14
N ASP A 196 -5.45 -4.81 28.29
CA ASP A 196 -6.30 -4.61 29.46
C ASP A 196 -5.57 -5.01 30.73
N GLN A 197 -4.86 -6.15 30.72
CA GLN A 197 -4.15 -6.54 31.92
C GLN A 197 -3.02 -5.57 32.21
N LEU A 198 -2.32 -5.10 31.17
CA LEU A 198 -1.24 -4.15 31.39
C LEU A 198 -1.77 -2.81 31.93
N GLU A 199 -2.94 -2.39 31.47
CA GLU A 199 -3.50 -1.11 31.90
C GLU A 199 -3.67 -1.10 33.41
N ARG A 200 -4.19 -2.21 33.95
CA ARG A 200 -4.39 -2.35 35.39
C ARG A 200 -3.07 -2.33 36.14
N VAL A 201 -2.09 -3.07 35.64
CA VAL A 201 -0.77 -3.08 36.29
C VAL A 201 -0.21 -1.66 36.32
N LEU A 202 -0.30 -0.94 35.20
CA LEU A 202 0.48 0.28 35.06
C LEU A 202 -0.13 1.40 35.88
N PHE A 203 -1.46 1.51 35.85
CA PHE A 203 -2.16 2.70 36.31
C PHE A 203 -2.92 2.48 37.62
N ASP A 204 -3.30 1.24 37.93
CA ASP A 204 -3.90 0.91 39.23
C ASP A 204 -2.83 0.43 40.21
N GLU A 205 -2.17 -0.68 39.88
CA GLU A 205 -1.19 -1.25 40.80
C GLU A 205 0.00 -0.30 40.99
N LEU A 206 0.77 -0.04 39.94
CA LEU A 206 1.91 0.84 40.08
C LEU A 206 1.53 2.32 40.12
N GLY A 207 0.26 2.64 39.97
CA GLY A 207 -0.15 4.04 40.08
C GLY A 207 0.65 4.97 39.20
N LEU A 208 0.93 4.57 37.96
CA LEU A 208 1.54 5.52 37.04
C LEU A 208 0.47 6.50 36.55
N PRO A 209 0.88 7.68 36.05
CA PRO A 209 -0.12 8.64 35.56
C PRO A 209 -0.66 8.17 34.21
N ALA A 210 -1.97 8.01 34.13
CA ALA A 210 -2.63 7.79 32.85
C ALA A 210 -2.66 9.08 32.07
N ILE A 211 -2.23 9.00 30.82
CA ILE A 211 -2.16 10.18 29.98
C ILE A 211 -3.42 10.25 29.13
N GLY A 212 -3.56 9.30 28.21
CA GLY A 212 -4.58 9.34 27.20
C GLY A 212 -5.53 8.16 27.26
N LYS A 213 -6.61 8.28 26.52
CA LYS A 213 -7.68 7.32 26.50
C LYS A 213 -7.79 6.74 25.10
N THR A 214 -8.36 5.54 25.05
CA THR A 214 -8.53 4.87 23.76
C THR A 214 -9.80 5.35 23.09
N GLU A 215 -9.85 5.21 21.77
CA GLU A 215 -10.86 5.94 21.00
C GLU A 215 -12.27 5.42 21.23
N LYS A 216 -12.48 4.13 21.07
CA LYS A 216 -13.85 3.63 21.07
C LYS A 216 -14.38 3.32 22.46
N THR A 217 -13.53 2.86 23.39
CA THR A 217 -14.02 2.40 24.67
C THR A 217 -13.57 3.23 25.85
N GLY A 218 -12.69 4.22 25.65
CA GLY A 218 -12.28 5.09 26.75
C GLY A 218 -11.41 4.42 27.79
N LYS A 219 -10.73 3.35 27.46
CA LYS A 219 -9.77 2.80 28.39
C LYS A 219 -8.55 3.71 28.47
N ARG A 220 -7.81 3.57 29.55
CA ARG A 220 -6.54 4.26 29.67
C ARG A 220 -5.55 3.61 28.71
N SER A 221 -5.00 4.42 27.80
CA SER A 221 -4.21 3.86 26.70
C SER A 221 -2.86 3.39 27.22
N THR A 222 -2.35 2.33 26.59
CA THR A 222 -1.01 1.83 26.85
C THR A 222 -0.18 1.88 25.58
N SER A 223 -0.49 2.81 24.69
CA SER A 223 0.20 2.93 23.40
C SER A 223 1.64 3.42 23.55
N ALA A 224 2.46 3.13 22.53
CA ALA A 224 3.85 3.53 22.59
C ALA A 224 3.98 5.02 22.86
N ALA A 225 3.06 5.83 22.33
CA ALA A 225 3.12 7.27 22.52
C ALA A 225 2.92 7.62 23.98
N VAL A 226 2.02 6.90 24.66
CA VAL A 226 1.82 7.05 26.10
C VAL A 226 3.01 6.51 26.87
N LEU A 227 3.52 5.34 26.46
CA LEU A 227 4.64 4.73 27.16
C LEU A 227 5.90 5.57 27.03
N GLU A 228 6.09 6.19 25.87
CA GLU A 228 7.24 7.08 25.68
C GLU A 228 7.25 8.18 26.72
N ALA A 229 6.07 8.71 27.03
CA ALA A 229 5.94 9.80 27.99
C ALA A 229 6.14 9.34 29.43
N LEU A 230 6.27 8.04 29.67
CA LEU A 230 6.39 7.49 31.00
C LEU A 230 7.65 6.68 31.21
N ARG A 231 8.54 6.64 30.23
CA ARG A 231 9.71 5.77 30.32
C ARG A 231 10.66 6.20 31.41
N GLU A 232 10.56 7.45 31.87
CA GLU A 232 11.29 7.93 33.02
C GLU A 232 10.56 7.63 34.33
N ALA A 233 9.23 7.62 34.29
CA ALA A 233 8.45 7.39 35.48
C ALA A 233 8.62 5.99 36.03
N HIS A 234 9.25 5.09 35.29
CA HIS A 234 9.36 3.74 35.80
C HIS A 234 10.20 2.86 34.87
N PRO A 235 11.10 2.04 35.41
CA PRO A 235 11.91 1.20 34.54
C PRO A 235 11.13 0.10 33.84
N ILE A 236 9.95 -0.27 34.34
CA ILE A 236 9.15 -1.29 33.67
C ILE A 236 8.71 -0.82 32.29
N VAL A 237 8.57 0.49 32.10
CA VAL A 237 8.04 1.00 30.86
C VAL A 237 9.00 0.70 29.74
N GLU A 238 10.28 0.98 29.97
CA GLU A 238 11.32 0.71 28.99
C GLU A 238 11.29 -0.75 28.52
N LYS A 239 11.19 -1.69 29.47
CA LYS A 239 11.21 -3.10 29.10
C LYS A 239 9.96 -3.49 28.31
N ILE A 240 8.81 -2.88 28.67
CA ILE A 240 7.57 -3.16 27.95
C ILE A 240 7.68 -2.69 26.51
N LEU A 241 8.29 -1.53 26.26
CA LEU A 241 8.44 -1.04 24.90
C LEU A 241 9.34 -1.98 24.08
N GLN A 242 10.40 -2.49 24.70
CA GLN A 242 11.25 -3.44 23.99
C GLN A 242 10.52 -4.75 23.77
N TYR A 243 9.73 -5.18 24.76
CA TYR A 243 8.94 -6.38 24.57
C TYR A 243 7.99 -6.21 23.40
N ARG A 244 7.42 -5.01 23.24
CA ARG A 244 6.43 -4.81 22.19
C ARG A 244 7.10 -4.88 20.83
N GLU A 245 8.29 -4.28 20.70
CA GLU A 245 8.96 -4.31 19.39
C GLU A 245 9.24 -5.74 18.97
N LEU A 246 9.77 -6.53 19.88
CA LEU A 246 10.22 -7.87 19.50
C LEU A 246 9.03 -8.76 19.20
N THR A 247 8.01 -8.73 20.07
CA THR A 247 6.84 -9.58 19.85
C THR A 247 6.06 -9.15 18.62
N LYS A 248 5.99 -7.86 18.35
CA LYS A 248 5.32 -7.41 17.15
C LYS A 248 6.00 -7.98 15.91
N LEU A 249 7.34 -7.88 15.87
CA LEU A 249 8.10 -8.33 14.71
C LEU A 249 8.11 -9.84 14.60
N LYS A 250 8.18 -10.54 15.74
CA LYS A 250 8.21 -12.00 15.70
C LYS A 250 6.85 -12.54 15.28
N SER A 251 5.79 -12.01 15.84
CA SER A 251 4.46 -12.56 15.53
C SER A 251 3.95 -12.15 14.14
N THR A 252 4.37 -11.01 13.61
CA THR A 252 3.83 -10.51 12.35
C THR A 252 4.66 -10.88 11.15
N TYR A 253 5.97 -11.08 11.31
CA TYR A 253 6.85 -11.31 10.17
C TYR A 253 7.73 -12.56 10.34
N ILE A 254 8.53 -12.60 11.44
CA ILE A 254 9.52 -13.66 11.56
C ILE A 254 8.85 -15.02 11.53
N ASP A 255 7.73 -15.20 12.29
CA ASP A 255 7.21 -16.54 12.40
C ASP A 255 6.27 -16.86 11.24
N PRO A 256 5.40 -15.96 10.81
CA PRO A 256 4.44 -16.35 9.76
C PRO A 256 5.04 -16.51 8.37
N LEU A 257 5.95 -15.65 7.97
CA LEU A 257 6.35 -15.61 6.56
C LEU A 257 6.95 -16.91 6.10
N PRO A 258 7.81 -17.58 6.86
CA PRO A 258 8.41 -18.79 6.34
C PRO A 258 7.42 -19.90 6.14
N ASP A 259 6.28 -19.90 6.83
CA ASP A 259 5.23 -20.90 6.59
C ASP A 259 4.40 -20.59 5.35
N LEU A 260 4.67 -19.50 4.63
CA LEU A 260 3.87 -19.14 3.46
C LEU A 260 4.60 -19.40 2.14
N ILE A 261 5.72 -20.07 2.15
CA ILE A 261 6.41 -20.34 0.90
C ILE A 261 5.59 -21.32 0.07
N HIS A 262 5.44 -21.02 -1.21
CA HIS A 262 4.52 -21.81 -1.99
C HIS A 262 5.26 -23.08 -2.45
N PRO A 263 4.60 -24.24 -2.37
CA PRO A 263 5.31 -25.50 -2.70
C PRO A 263 5.77 -25.59 -4.14
N ARG A 264 5.01 -25.02 -5.07
CA ARG A 264 5.38 -25.12 -6.48
C ARG A 264 6.50 -24.13 -6.83
N THR A 265 6.38 -22.88 -6.38
CA THR A 265 7.31 -21.83 -6.76
C THR A 265 8.51 -21.71 -5.82
N GLY A 266 8.39 -22.19 -4.59
CA GLY A 266 9.42 -21.92 -3.60
C GLY A 266 9.56 -20.47 -3.24
N ARG A 267 8.57 -19.65 -3.57
CA ARG A 267 8.64 -18.24 -3.24
C ARG A 267 7.43 -17.80 -2.43
N LEU A 268 7.49 -16.54 -1.99
CA LEU A 268 6.46 -15.89 -1.20
C LEU A 268 5.57 -15.01 -2.10
N HIS A 269 4.27 -15.21 -2.05
CA HIS A 269 3.34 -14.52 -2.95
C HIS A 269 2.33 -13.64 -2.21
N THR A 270 2.40 -12.32 -2.42
CA THR A 270 1.41 -11.40 -1.91
C THR A 270 0.31 -11.22 -2.93
N ARG A 271 -0.68 -10.43 -2.51
CA ARG A 271 -1.74 -9.98 -3.39
C ARG A 271 -1.68 -8.46 -3.45
N PHE A 272 -1.75 -7.91 -4.66
CA PHE A 272 -1.84 -6.46 -4.87
C PHE A 272 -3.29 -6.09 -5.17
N ASN A 273 -4.01 -5.62 -4.15
CA ASN A 273 -5.42 -5.34 -4.27
C ASN A 273 -5.62 -4.02 -4.98
N GLN A 274 -6.34 -4.06 -6.10
CA GLN A 274 -6.43 -2.93 -6.98
C GLN A 274 -7.63 -2.04 -6.75
N THR A 275 -8.63 -2.46 -5.93
CA THR A 275 -9.81 -1.63 -5.64
C THR A 275 -10.06 -1.60 -4.12
N ALA A 276 -9.04 -1.13 -3.37
CA ALA A 276 -9.04 -1.23 -1.92
C ALA A 276 -8.85 0.07 -1.16
N THR A 277 -8.42 1.18 -1.80
CA THR A 277 -8.11 2.39 -1.06
C THR A 277 -8.92 3.56 -1.59
N ALA A 278 -9.10 4.56 -0.72
CA ALA A 278 -9.90 5.72 -1.08
C ALA A 278 -9.17 6.65 -2.02
N THR A 279 -7.84 6.53 -2.11
CA THR A 279 -7.04 7.52 -2.82
C THR A 279 -6.53 7.03 -4.18
N GLY A 280 -6.62 5.75 -4.47
CA GLY A 280 -6.03 5.17 -5.68
C GLY A 280 -4.73 4.44 -5.43
N ARG A 281 -4.24 4.42 -4.20
CA ARG A 281 -3.12 3.57 -3.87
C ARG A 281 -3.51 2.11 -4.07
N LEU A 282 -2.49 1.26 -4.29
CA LEU A 282 -2.63 -0.18 -4.12
C LEU A 282 -2.61 -0.49 -2.63
N SER A 283 -3.08 -1.68 -2.29
CA SER A 283 -2.77 -2.26 -1.00
C SER A 283 -2.22 -3.62 -1.25
N SER A 284 -1.62 -4.21 -0.21
CA SER A 284 -1.03 -5.54 -0.30
C SER A 284 -1.53 -6.38 0.85
N SER A 285 -1.82 -7.66 0.58
CA SER A 285 -2.36 -8.54 1.62
C SER A 285 -2.04 -10.00 1.34
N ASP A 286 -2.11 -10.80 2.43
CA ASP A 286 -2.02 -12.25 2.47
C ASP A 286 -0.73 -12.83 1.90
N PRO A 287 0.45 -12.40 2.36
CA PRO A 287 0.65 -11.41 3.43
C PRO A 287 0.86 -10.04 2.85
N ASN A 288 0.76 -9.00 3.68
CA ASN A 288 1.09 -7.64 3.30
C ASN A 288 2.60 -7.55 3.18
N LEU A 289 3.09 -7.30 1.96
CA LEU A 289 4.51 -7.07 1.75
C LEU A 289 4.80 -5.59 1.58
N GLN A 290 3.85 -4.71 1.89
CA GLN A 290 4.10 -3.27 1.86
C GLN A 290 4.41 -2.68 3.22
N ASN A 291 4.53 -3.50 4.26
CA ASN A 291 4.92 -3.02 5.59
C ASN A 291 5.95 -3.93 6.19
N ILE A 292 6.83 -4.46 5.36
CA ILE A 292 7.97 -5.21 5.89
C ILE A 292 8.85 -4.28 6.71
N PRO A 293 9.34 -4.66 7.88
CA PRO A 293 10.11 -3.74 8.70
C PRO A 293 11.35 -3.24 8.01
N VAL A 294 11.83 -2.12 8.55
CA VAL A 294 13.03 -1.47 8.04
C VAL A 294 13.67 -0.50 9.04
N ARG A 295 12.88 0.02 9.98
CA ARG A 295 13.36 1.11 10.83
C ARG A 295 14.41 0.66 11.84
N THR A 296 14.10 -0.35 12.64
CA THR A 296 14.97 -0.73 13.76
C THR A 296 15.99 -1.77 13.33
N PRO A 297 17.01 -2.03 14.16
CA PRO A 297 17.98 -3.08 13.81
C PRO A 297 17.34 -4.43 13.57
N LEU A 298 16.44 -4.85 14.45
CA LEU A 298 15.81 -6.14 14.23
C LEU A 298 14.96 -6.08 12.99
N GLY A 299 14.25 -4.96 12.78
CA GLY A 299 13.48 -4.81 11.56
C GLY A 299 14.36 -4.95 10.33
N GLN A 300 15.55 -4.35 10.38
CA GLN A 300 16.49 -4.46 9.27
C GLN A 300 16.95 -5.89 9.04
N ARG A 301 17.16 -6.66 10.11
CA ARG A 301 17.50 -8.07 9.94
C ARG A 301 16.39 -8.83 9.21
N ILE A 302 15.12 -8.48 9.48
CA ILE A 302 14.01 -9.15 8.79
C ILE A 302 14.00 -8.80 7.30
N ARG A 303 14.12 -7.51 6.99
CA ARG A 303 14.22 -7.12 5.60
C ARG A 303 15.34 -7.84 4.84
N ARG A 304 16.47 -8.13 5.49
CA ARG A 304 17.55 -8.83 4.78
C ARG A 304 17.14 -10.22 4.32
N ALA A 305 16.03 -10.76 4.84
CA ALA A 305 15.59 -12.09 4.45
C ALA A 305 14.97 -12.12 3.06
N PHE A 306 14.64 -10.98 2.52
CA PHE A 306 14.06 -10.89 1.18
C PHE A 306 15.23 -10.81 0.21
N ILE A 307 15.40 -11.86 -0.58
CA ILE A 307 16.63 -12.02 -1.35
C ILE A 307 16.32 -12.34 -2.81
N ALA A 308 17.33 -12.18 -3.67
CA ALA A 308 17.20 -12.49 -5.10
C ALA A 308 17.38 -13.99 -5.37
N GLU A 309 16.74 -14.48 -6.43
CA GLU A 309 17.03 -15.81 -6.93
C GLU A 309 18.51 -15.94 -7.20
N GLU A 310 19.03 -17.16 -7.03
CA GLU A 310 20.42 -17.45 -7.37
C GLU A 310 20.78 -16.99 -8.78
N GLY A 311 21.86 -16.22 -8.89
CA GLY A 311 22.28 -15.67 -10.16
C GLY A 311 21.53 -14.46 -10.62
N TRP A 312 20.63 -13.93 -9.80
CA TRP A 312 19.93 -12.68 -10.04
C TRP A 312 20.31 -11.66 -8.96
N LEU A 313 19.80 -10.44 -9.11
CA LEU A 313 19.94 -9.39 -8.11
C LEU A 313 18.63 -8.67 -7.97
N LEU A 314 18.35 -8.14 -6.78
CA LEU A 314 17.22 -7.24 -6.66
C LEU A 314 17.65 -5.84 -7.07
N VAL A 315 16.72 -5.12 -7.69
CA VAL A 315 16.88 -3.71 -8.00
C VAL A 315 15.75 -2.95 -7.32
N ALA A 316 16.10 -2.00 -6.45
CA ALA A 316 15.13 -1.23 -5.68
C ALA A 316 15.12 0.22 -6.13
N LEU A 317 13.96 0.71 -6.56
CA LEU A 317 13.83 2.07 -7.04
C LEU A 317 12.78 2.80 -6.22
N ASP A 318 13.12 4.00 -5.74
CA ASP A 318 12.28 4.75 -4.83
C ASP A 318 12.23 6.20 -5.28
N TYR A 319 11.02 6.73 -5.54
CA TYR A 319 10.88 8.15 -5.90
C TYR A 319 11.30 9.03 -4.73
N SER A 320 12.05 10.08 -5.03
CA SER A 320 12.50 11.03 -4.02
C SER A 320 11.38 11.99 -3.66
N GLN A 321 11.08 12.13 -2.36
CA GLN A 321 10.19 13.19 -1.82
C GLN A 321 8.95 13.35 -2.68
N ILE A 322 8.35 12.23 -3.03
CA ILE A 322 7.44 12.23 -4.16
C ILE A 322 6.24 13.13 -3.88
N GLU A 323 5.58 12.96 -2.75
CA GLU A 323 4.36 13.74 -2.55
C GLU A 323 4.61 15.23 -2.42
N LEU A 324 5.83 15.64 -2.02
CA LEU A 324 6.19 17.07 -2.00
C LEU A 324 6.38 17.60 -3.42
N ARG A 325 6.94 16.79 -4.32
CA ARG A 325 7.02 17.23 -5.70
C ARG A 325 5.64 17.32 -6.32
N VAL A 326 4.77 16.34 -6.04
CA VAL A 326 3.41 16.40 -6.54
C VAL A 326 2.71 17.67 -6.03
N LEU A 327 2.91 17.99 -4.75
CA LEU A 327 2.33 19.21 -4.18
C LEU A 327 2.79 20.46 -4.92
N ALA A 328 4.10 20.55 -5.19
CA ALA A 328 4.62 21.69 -5.94
C ALA A 328 3.87 21.86 -7.26
N HIS A 329 3.66 20.75 -7.98
CA HIS A 329 2.98 20.84 -9.27
C HIS A 329 1.50 21.20 -9.09
N LEU A 330 0.79 20.52 -8.19
CA LEU A 330 -0.64 20.79 -8.05
C LEU A 330 -0.89 22.21 -7.59
N SER A 331 -0.06 22.72 -6.67
CA SER A 331 -0.28 24.04 -6.09
C SER A 331 0.24 25.15 -7.00
N GLY A 332 1.36 24.95 -7.66
CA GLY A 332 1.99 26.04 -8.40
C GLY A 332 2.94 26.87 -7.58
N ASP A 333 3.21 26.50 -6.34
CA ASP A 333 4.03 27.35 -5.49
C ASP A 333 5.44 27.48 -6.03
N GLU A 334 5.90 28.72 -6.17
CA GLU A 334 7.19 28.98 -6.80
C GLU A 334 8.35 28.64 -5.86
N ASN A 335 8.28 29.09 -4.61
CA ASN A 335 9.34 28.78 -3.66
C ASN A 335 9.54 27.27 -3.53
N LEU A 336 8.49 26.49 -3.78
CA LEU A 336 8.60 25.05 -3.71
C LEU A 336 9.11 24.45 -5.01
N ILE A 337 8.53 24.88 -6.15
CA ILE A 337 9.07 24.48 -7.44
C ILE A 337 10.57 24.74 -7.48
N ARG A 338 10.96 25.94 -7.07
CA ARG A 338 12.38 26.31 -6.99
C ARG A 338 13.17 25.28 -6.18
N VAL A 339 12.61 24.81 -5.08
CA VAL A 339 13.35 23.90 -4.22
C VAL A 339 13.74 22.63 -4.97
N PHE A 340 12.93 22.20 -5.94
CA PHE A 340 13.18 20.95 -6.65
C PHE A 340 13.89 21.16 -8.00
N GLN A 341 13.85 22.37 -8.56
CA GLN A 341 14.75 22.69 -9.66
C GLN A 341 16.18 22.94 -9.17
N GLU A 342 16.36 23.17 -7.88
CA GLU A 342 17.66 23.32 -7.23
C GLU A 342 18.11 22.07 -6.47
N GLY A 343 17.40 20.96 -6.61
CA GLY A 343 17.84 19.72 -5.95
C GLY A 343 18.08 19.83 -4.46
N ARG A 344 17.22 20.57 -3.74
CA ARG A 344 17.28 20.62 -2.29
C ARG A 344 16.55 19.42 -1.66
N ASP A 345 16.88 19.12 -0.40
CA ASP A 345 16.29 18.01 0.33
C ASP A 345 15.68 18.54 1.61
N ILE A 346 14.40 18.28 1.80
CA ILE A 346 13.67 18.81 2.94
C ILE A 346 13.66 17.83 4.10
N HIS A 347 13.54 16.53 3.80
CA HIS A 347 13.73 15.51 4.84
C HIS A 347 15.15 15.53 5.39
N THR A 348 16.12 16.05 4.65
CA THR A 348 17.43 16.27 5.25
C THR A 348 17.47 17.58 6.01
N GLU A 349 16.92 18.65 5.43
CA GLU A 349 16.89 19.95 6.09
C GLU A 349 16.14 19.90 7.41
N THR A 350 14.92 19.34 7.41
CA THR A 350 14.20 19.15 8.67
C THR A 350 15.01 18.28 9.62
N ALA A 351 15.59 17.19 9.11
CA ALA A 351 16.38 16.30 9.96
C ALA A 351 17.60 17.02 10.53
N SER A 352 18.10 18.05 9.84
CA SER A 352 19.18 18.83 10.41
C SER A 352 18.68 19.83 11.45
N TRP A 353 17.51 20.42 11.21
CA TRP A 353 16.98 21.40 12.15
C TRP A 353 16.59 20.74 13.47
N MET A 354 15.81 19.65 13.41
CA MET A 354 15.28 19.04 14.62
C MET A 354 16.36 18.30 15.41
N PHE A 355 17.50 18.00 14.79
CA PHE A 355 18.61 17.35 15.47
C PHE A 355 19.76 18.30 15.79
N GLY A 356 19.74 19.53 15.29
CA GLY A 356 20.88 20.40 15.43
C GLY A 356 22.12 19.69 14.91
N VAL A 357 22.10 19.34 13.62
CA VAL A 357 23.14 18.52 13.02
C VAL A 357 23.41 19.06 11.62
N PRO A 358 24.65 19.16 11.17
CA PRO A 358 24.90 19.55 9.78
C PRO A 358 24.41 18.49 8.82
N ARG A 359 23.90 18.95 7.67
CA ARG A 359 23.35 18.02 6.69
C ARG A 359 24.31 16.89 6.36
N GLU A 360 25.62 17.11 6.53
CA GLU A 360 26.59 16.05 6.28
C GLU A 360 26.32 14.83 7.15
N ALA A 361 25.71 15.03 8.32
CA ALA A 361 25.62 13.99 9.34
C ALA A 361 24.21 13.52 9.60
N VAL A 362 23.25 13.85 8.72
CA VAL A 362 21.90 13.29 8.81
C VAL A 362 21.96 11.88 8.23
N ASP A 363 21.94 10.88 9.10
CA ASP A 363 22.05 9.48 8.67
C ASP A 363 20.68 8.96 8.27
N PRO A 364 20.61 7.73 7.75
CA PRO A 364 19.31 7.20 7.30
C PRO A 364 18.21 7.24 8.35
N LEU A 365 18.53 7.10 9.63
CA LEU A 365 17.48 7.02 10.64
C LEU A 365 16.96 8.40 11.06
N MET A 366 17.78 9.44 10.91
CA MET A 366 17.32 10.80 11.20
C MET A 366 16.38 11.29 10.11
N ARG A 367 16.60 10.88 8.86
CA ARG A 367 15.81 11.38 7.76
C ARG A 367 14.38 10.86 7.82
N ARG A 368 14.18 9.61 8.27
CA ARG A 368 12.83 9.09 8.46
C ARG A 368 12.06 9.92 9.48
N ALA A 369 12.68 10.19 10.62
CA ALA A 369 12.02 10.99 11.65
C ALA A 369 11.53 12.30 11.07
N ALA A 370 12.36 12.93 10.22
CA ALA A 370 11.97 14.15 9.54
C ALA A 370 10.80 13.94 8.58
N LYS A 371 10.63 12.71 8.05
CA LYS A 371 9.49 12.46 7.16
C LYS A 371 8.18 12.45 7.93
N THR A 372 8.17 11.84 9.12
CA THR A 372 7.04 12.01 10.03
C THR A 372 6.69 13.48 10.23
N ILE A 373 7.70 14.32 10.42
CA ILE A 373 7.44 15.72 10.71
C ILE A 373 6.90 16.44 9.48
N ASN A 374 7.65 16.39 8.37
CA ASN A 374 7.25 17.14 7.20
C ASN A 374 5.87 16.70 6.71
N PHE A 375 5.63 15.38 6.63
CA PHE A 375 4.31 14.91 6.24
C PHE A 375 3.30 15.09 7.37
N GLY A 376 3.69 14.76 8.59
CA GLY A 376 2.80 15.00 9.71
C GLY A 376 2.31 16.43 9.74
N VAL A 377 3.26 17.37 9.65
CA VAL A 377 2.90 18.79 9.65
C VAL A 377 2.01 19.12 8.47
N LEU A 378 2.36 18.65 7.27
CA LEU A 378 1.70 19.15 6.07
C LEU A 378 0.23 18.76 6.04
N TYR A 379 -0.09 17.51 6.40
CA TYR A 379 -1.46 17.01 6.35
C TYR A 379 -2.26 17.30 7.62
N GLY A 380 -1.82 18.28 8.42
CA GLY A 380 -2.64 18.88 9.43
C GLY A 380 -2.28 18.59 10.89
N MET A 381 -1.02 18.28 11.20
CA MET A 381 -0.64 17.98 12.59
C MET A 381 -0.99 19.16 13.48
N SER A 382 -1.11 18.87 14.78
CA SER A 382 -1.39 19.89 15.79
C SER A 382 -0.10 20.28 16.48
N ALA A 383 0.02 21.57 16.79
CA ALA A 383 1.16 22.04 17.55
C ALA A 383 1.40 21.13 18.75
N HIS A 384 0.33 20.81 19.47
CA HIS A 384 0.49 20.05 20.70
C HIS A 384 1.13 18.69 20.43
N ARG A 385 0.56 17.91 19.50
CA ARG A 385 1.18 16.63 19.15
C ARG A 385 2.60 16.86 18.66
N LEU A 386 2.76 17.83 17.76
CA LEU A 386 4.09 18.13 17.24
C LEU A 386 5.07 18.38 18.39
N SER A 387 4.68 19.23 19.34
CA SER A 387 5.59 19.51 20.45
C SER A 387 6.03 18.22 21.10
N GLN A 388 5.13 17.24 21.18
CA GLN A 388 5.46 15.98 21.83
C GLN A 388 6.26 15.06 20.91
N GLU A 389 5.94 15.01 19.61
CA GLU A 389 6.55 14.03 18.73
C GLU A 389 8.06 14.21 18.64
N LEU A 390 8.54 15.47 18.66
CA LEU A 390 9.96 15.76 18.55
C LEU A 390 10.50 16.50 19.77
N ALA A 391 9.77 16.46 20.89
CA ALA A 391 10.30 16.86 22.20
C ALA A 391 10.82 18.30 22.19
N ILE A 392 9.87 19.23 22.14
CA ILE A 392 10.17 20.66 22.28
C ILE A 392 8.96 21.34 22.92
N PRO A 393 9.11 22.48 23.58
CA PRO A 393 7.94 23.13 24.16
C PRO A 393 6.88 23.41 23.10
N TYR A 394 5.63 23.45 23.55
CA TYR A 394 4.50 23.70 22.65
C TYR A 394 4.74 24.95 21.83
N GLU A 395 5.18 26.03 22.46
CA GLU A 395 5.40 27.29 21.76
C GLU A 395 6.34 27.09 20.57
N GLU A 396 7.26 26.13 20.67
CA GLU A 396 8.13 25.83 19.54
C GLU A 396 7.35 25.14 18.42
N ALA A 397 6.50 24.17 18.77
CA ALA A 397 5.72 23.46 17.77
C ALA A 397 4.95 24.44 16.88
N GLN A 398 4.29 25.44 17.48
CA GLN A 398 3.56 26.43 16.68
C GLN A 398 4.46 27.06 15.62
N ALA A 399 5.71 27.34 15.98
CA ALA A 399 6.60 28.06 15.07
C ALA A 399 6.97 27.23 13.85
N PHE A 400 7.30 25.94 14.05
CA PHE A 400 7.66 25.09 12.92
C PHE A 400 6.53 25.04 11.90
N ILE A 401 5.29 24.85 12.36
CA ILE A 401 4.18 24.72 11.41
C ILE A 401 3.73 26.07 10.89
N GLU A 402 4.26 27.17 11.44
CA GLU A 402 4.01 28.47 10.80
C GLU A 402 5.06 28.76 9.74
N ARG A 403 6.34 28.47 10.02
CA ARG A 403 7.38 28.67 9.00
C ARG A 403 7.34 27.59 7.92
N TYR A 404 6.84 26.40 8.26
CA TYR A 404 6.69 25.33 7.28
C TYR A 404 5.70 25.71 6.19
N PHE A 405 4.77 26.63 6.45
CA PHE A 405 3.74 27.00 5.49
C PHE A 405 3.94 28.40 4.90
N GLN A 406 4.50 29.35 5.65
CA GLN A 406 4.76 30.66 5.07
C GLN A 406 5.98 30.61 4.15
N SER A 407 6.92 29.72 4.45
CA SER A 407 8.00 29.45 3.50
C SER A 407 7.45 28.94 2.17
N PHE A 408 6.28 28.28 2.17
CA PHE A 408 5.69 27.75 0.95
C PHE A 408 4.27 28.30 0.77
N PRO A 409 4.15 29.57 0.35
CA PRO A 409 2.87 30.29 0.51
C PRO A 409 1.65 29.71 -0.19
N LYS A 410 1.73 29.41 -1.49
CA LYS A 410 0.52 29.10 -2.25
C LYS A 410 -0.03 27.70 -1.99
N VAL A 411 0.56 26.95 -1.06
CA VAL A 411 -0.02 25.66 -0.68
C VAL A 411 -1.40 25.89 -0.08
N ARG A 412 -1.48 26.76 0.92
CA ARG A 412 -2.74 26.98 1.61
C ARG A 412 -3.84 27.41 0.65
N ALA A 413 -3.50 28.20 -0.38
CA ALA A 413 -4.48 28.59 -1.37
C ALA A 413 -4.97 27.39 -2.17
N TRP A 414 -4.06 26.48 -2.50
CA TRP A 414 -4.46 25.25 -3.16
C TRP A 414 -5.36 24.42 -2.24
N ILE A 415 -5.02 24.34 -0.96
CA ILE A 415 -5.89 23.65 -0.02
C ILE A 415 -7.29 24.25 -0.06
N GLU A 416 -7.38 25.58 0.09
CA GLU A 416 -8.69 26.21 0.18
C GLU A 416 -9.47 25.98 -1.10
N LYS A 417 -8.76 25.98 -2.23
CA LYS A 417 -9.40 25.78 -3.53
C LYS A 417 -9.90 24.35 -3.65
N THR A 418 -9.11 23.40 -3.16
CA THR A 418 -9.53 22.01 -3.24
C THR A 418 -10.76 21.76 -2.36
N LEU A 419 -10.80 22.34 -1.16
CA LEU A 419 -11.96 22.13 -0.31
C LEU A 419 -13.23 22.79 -0.87
N GLU A 420 -13.10 24.03 -1.35
CA GLU A 420 -14.24 24.68 -1.97
C GLU A 420 -14.83 23.82 -3.09
N GLU A 421 -13.97 23.27 -3.95
CA GLU A 421 -14.44 22.40 -5.02
C GLU A 421 -15.11 21.16 -4.45
N GLY A 422 -14.46 20.51 -3.50
CA GLY A 422 -15.04 19.30 -2.95
C GLY A 422 -16.39 19.54 -2.33
N ARG A 423 -16.61 20.73 -1.76
CA ARG A 423 -17.92 21.05 -1.20
C ARG A 423 -18.99 21.16 -2.29
N ARG A 424 -18.66 21.85 -3.38
CA ARG A 424 -19.66 22.07 -4.42
C ARG A 424 -19.98 20.79 -5.18
N ARG A 425 -18.94 20.08 -5.64
CA ARG A 425 -19.18 18.90 -6.47
C ARG A 425 -19.33 17.62 -5.67
N GLY A 426 -18.88 17.59 -4.41
CA GLY A 426 -18.98 16.42 -3.59
C GLY A 426 -17.77 15.51 -3.68
N TYR A 427 -16.82 15.80 -4.55
CA TYR A 427 -15.63 14.97 -4.66
C TYR A 427 -14.43 15.88 -4.93
N VAL A 428 -13.25 15.32 -4.65
CA VAL A 428 -11.98 15.91 -4.99
C VAL A 428 -11.31 14.97 -5.98
N GLU A 429 -10.19 15.42 -6.56
CA GLU A 429 -9.65 14.66 -7.69
C GLU A 429 -8.14 14.84 -7.82
N THR A 430 -7.50 13.80 -8.35
CA THR A 430 -6.07 13.81 -8.63
C THR A 430 -5.81 14.54 -9.94
N LEU A 431 -4.52 14.68 -10.27
CA LEU A 431 -4.11 15.35 -11.52
C LEU A 431 -4.74 14.73 -12.76
N PHE A 432 -4.96 13.43 -12.72
CA PHE A 432 -5.56 12.70 -13.82
C PHE A 432 -7.06 12.61 -13.72
N GLY A 433 -7.69 13.15 -12.67
CA GLY A 433 -9.12 13.10 -12.54
C GLY A 433 -9.65 11.90 -11.77
N ARG A 434 -8.80 11.19 -11.03
CA ARG A 434 -9.31 10.14 -10.16
C ARG A 434 -10.12 10.82 -9.06
N ARG A 435 -11.28 10.27 -8.73
CA ARG A 435 -12.15 10.97 -7.78
C ARG A 435 -12.27 10.25 -6.44
N ARG A 436 -12.45 11.06 -5.39
CA ARG A 436 -12.84 10.54 -4.10
C ARG A 436 -14.01 11.38 -3.62
N TYR A 437 -15.11 10.73 -3.29
CA TYR A 437 -16.23 11.48 -2.75
C TYR A 437 -15.96 11.81 -1.27
N VAL A 438 -16.16 13.06 -0.89
CA VAL A 438 -15.94 13.44 0.51
C VAL A 438 -17.15 14.25 1.00
N PRO A 439 -18.21 13.56 1.32
CA PRO A 439 -19.45 14.23 1.74
C PRO A 439 -19.35 15.02 3.04
N ASP A 440 -18.48 14.64 3.97
CA ASP A 440 -18.58 15.29 5.28
C ASP A 440 -18.03 16.71 5.29
N LEU A 441 -17.63 17.25 4.13
CA LEU A 441 -17.07 18.60 4.09
C LEU A 441 -18.02 19.68 4.57
N GLU A 442 -19.32 19.39 4.66
CA GLU A 442 -20.27 20.34 5.22
C GLU A 442 -20.94 19.79 6.47
N ALA A 443 -20.30 18.82 7.12
CA ALA A 443 -20.72 18.40 8.44
C ALA A 443 -20.84 19.60 9.35
N ARG A 444 -21.83 19.55 10.24
CA ARG A 444 -22.06 20.65 11.17
C ARG A 444 -21.34 20.43 12.49
N VAL A 445 -20.71 19.27 12.66
CA VAL A 445 -19.80 19.02 13.76
C VAL A 445 -18.38 19.33 13.32
N LYS A 446 -17.73 20.25 14.04
CA LYS A 446 -16.43 20.73 13.61
C LYS A 446 -15.44 19.57 13.49
N SER A 447 -15.33 18.75 14.53
CA SER A 447 -14.33 17.68 14.48
C SER A 447 -14.51 16.78 13.26
N VAL A 448 -15.76 16.42 12.94
CA VAL A 448 -16.05 15.58 11.78
C VAL A 448 -15.71 16.32 10.49
N ARG A 449 -16.19 17.56 10.35
CA ARG A 449 -15.90 18.36 9.16
C ARG A 449 -14.39 18.47 8.95
N GLU A 450 -13.67 18.84 10.01
CA GLU A 450 -12.25 19.12 9.81
C GLU A 450 -11.49 17.82 9.46
N ALA A 451 -11.91 16.69 10.00
CA ALA A 451 -11.29 15.42 9.61
C ALA A 451 -11.57 15.14 8.14
N ALA A 452 -12.81 15.34 7.70
CA ALA A 452 -13.14 15.24 6.29
C ALA A 452 -12.21 16.13 5.46
N GLU A 453 -11.92 17.34 5.94
CA GLU A 453 -11.08 18.26 5.21
C GLU A 453 -9.67 17.70 5.04
N ARG A 454 -9.10 17.15 6.10
CA ARG A 454 -7.76 16.59 5.96
C ARG A 454 -7.77 15.42 4.99
N MET A 455 -8.84 14.61 5.00
CA MET A 455 -8.91 13.50 4.06
C MET A 455 -9.04 14.02 2.64
N ALA A 456 -9.90 15.03 2.45
CA ALA A 456 -10.13 15.55 1.11
C ALA A 456 -8.89 16.19 0.52
N PHE A 457 -8.19 17.06 1.28
CA PHE A 457 -7.11 17.72 0.56
C PHE A 457 -5.86 16.85 0.49
N ASN A 458 -5.78 15.75 1.24
CA ASN A 458 -4.66 14.83 1.08
C ASN A 458 -4.83 14.03 -0.20
N MET A 459 -6.07 13.71 -0.59
CA MET A 459 -6.24 12.73 -1.65
C MET A 459 -5.61 13.15 -2.98
N PRO A 460 -5.74 14.39 -3.45
CA PRO A 460 -5.08 14.71 -4.73
C PRO A 460 -3.59 14.53 -4.69
N VAL A 461 -2.97 14.72 -3.54
CA VAL A 461 -1.53 14.55 -3.43
C VAL A 461 -1.15 13.08 -3.44
N GLN A 462 -1.65 12.33 -2.45
CA GLN A 462 -1.35 10.91 -2.36
C GLN A 462 -1.85 10.17 -3.60
N GLY A 463 -3.01 10.57 -4.12
CA GLY A 463 -3.56 9.87 -5.27
C GLY A 463 -2.84 10.20 -6.57
N THR A 464 -2.38 11.46 -6.74
CA THR A 464 -1.55 11.75 -7.93
C THR A 464 -0.26 10.96 -7.91
N ALA A 465 0.41 10.93 -6.76
CA ALA A 465 1.59 10.05 -6.61
C ALA A 465 1.25 8.62 -6.96
N ALA A 466 0.05 8.16 -6.59
CA ALA A 466 -0.32 6.76 -6.90
C ALA A 466 -0.59 6.58 -8.40
N ASP A 467 -1.26 7.56 -9.02
CA ASP A 467 -1.48 7.51 -10.46
C ASP A 467 -0.16 7.43 -11.19
N LEU A 468 0.80 8.27 -10.78
CA LEU A 468 2.09 8.32 -11.45
C LEU A 468 2.81 6.97 -11.34
N MET A 469 2.82 6.39 -10.14
CA MET A 469 3.48 5.11 -9.95
C MET A 469 2.80 4.02 -10.76
N LYS A 470 1.48 4.01 -10.77
CA LYS A 470 0.77 3.02 -11.60
C LYS A 470 1.12 3.19 -13.06
N LEU A 471 1.12 4.41 -13.53
CA LEU A 471 1.47 4.64 -14.94
C LEU A 471 2.89 4.18 -15.24
N ALA A 472 3.83 4.44 -14.32
CA ALA A 472 5.21 4.00 -14.51
C ALA A 472 5.33 2.47 -14.56
N MET A 473 4.62 1.77 -13.68
CA MET A 473 4.56 0.32 -13.72
C MET A 473 4.07 -0.16 -15.09
N VAL A 474 3.05 0.51 -15.63
CA VAL A 474 2.46 0.06 -16.89
C VAL A 474 3.47 0.27 -18.03
N LYS A 475 4.19 1.40 -17.99
CA LYS A 475 5.20 1.67 -19.01
C LYS A 475 6.41 0.76 -18.85
N LEU A 476 6.83 0.49 -17.62
CA LEU A 476 8.07 -0.26 -17.38
C LEU A 476 7.90 -1.75 -17.69
N PHE A 477 6.74 -2.32 -17.37
CA PHE A 477 6.61 -3.78 -17.45
C PHE A 477 7.03 -4.37 -18.79
N PRO A 478 6.54 -3.91 -19.93
CA PRO A 478 6.98 -4.56 -21.19
C PRO A 478 8.46 -4.42 -21.44
N ARG A 479 9.08 -3.34 -20.97
CA ARG A 479 10.52 -3.22 -21.12
C ARG A 479 11.28 -4.23 -20.24
N LEU A 480 10.78 -4.58 -19.07
CA LEU A 480 11.48 -5.59 -18.27
C LEU A 480 11.36 -6.96 -18.94
N GLU A 481 10.15 -7.30 -19.39
CA GLU A 481 9.97 -8.59 -20.06
C GLU A 481 10.97 -8.75 -21.18
N GLU A 482 11.15 -7.70 -21.99
CA GLU A 482 12.10 -7.79 -23.10
C GLU A 482 13.53 -7.95 -22.62
N MET A 483 13.83 -7.61 -21.36
CA MET A 483 15.20 -7.74 -20.85
C MET A 483 15.31 -8.92 -19.92
N GLY A 484 14.28 -9.75 -19.84
CA GLY A 484 14.38 -10.94 -19.02
C GLY A 484 14.37 -10.63 -17.55
N ALA A 485 13.84 -9.47 -17.19
CA ALA A 485 13.74 -9.06 -15.78
C ALA A 485 12.29 -9.13 -15.31
N ARG A 486 12.13 -9.03 -13.98
CA ARG A 486 10.84 -9.23 -13.36
C ARG A 486 10.50 -8.05 -12.46
N MET A 487 9.22 -7.79 -12.32
CA MET A 487 8.73 -6.83 -11.35
C MET A 487 8.17 -7.64 -10.19
N LEU A 488 8.61 -7.34 -8.96
CA LEU A 488 8.25 -8.17 -7.81
C LEU A 488 7.28 -7.49 -6.87
N LEU A 489 7.62 -6.28 -6.45
CA LEU A 489 6.86 -5.59 -5.41
C LEU A 489 6.71 -4.13 -5.76
N GLN A 490 5.58 -3.55 -5.35
CA GLN A 490 5.38 -2.11 -5.25
C GLN A 490 5.05 -1.78 -3.80
N VAL A 491 5.67 -0.71 -3.29
CA VAL A 491 5.49 -0.19 -1.93
C VAL A 491 5.26 1.31 -2.05
N HIS A 492 4.16 1.67 -2.76
CA HIS A 492 3.60 3.01 -2.96
C HIS A 492 4.42 3.97 -3.81
N ASP A 493 5.66 4.24 -3.47
CA ASP A 493 6.49 5.07 -4.34
C ASP A 493 7.79 4.33 -4.69
N GLU A 494 7.82 3.02 -4.50
CA GLU A 494 8.99 2.18 -4.66
C GLU A 494 8.62 0.94 -5.47
N LEU A 495 9.53 0.51 -6.33
CA LEU A 495 9.46 -0.78 -6.98
C LEU A 495 10.69 -1.58 -6.61
N VAL A 496 10.48 -2.88 -6.47
CA VAL A 496 11.55 -3.85 -6.36
C VAL A 496 11.48 -4.78 -7.57
N LEU A 497 12.56 -4.83 -8.33
CA LEU A 497 12.65 -5.69 -9.49
C LEU A 497 13.64 -6.81 -9.18
N GLU A 498 13.59 -7.86 -10.01
CA GLU A 498 14.58 -8.92 -9.97
C GLU A 498 15.15 -9.00 -11.38
N ALA A 499 16.48 -9.02 -11.49
CA ALA A 499 17.13 -9.01 -12.80
C ALA A 499 18.27 -10.03 -12.85
N PRO A 500 18.49 -10.68 -14.00
CA PRO A 500 19.73 -11.44 -14.17
C PRO A 500 20.92 -10.59 -13.80
N LYS A 501 21.93 -11.21 -13.17
CA LYS A 501 23.09 -10.46 -12.68
C LYS A 501 23.78 -9.72 -13.81
N GLU A 502 23.78 -10.29 -15.00
CA GLU A 502 24.47 -9.67 -16.13
C GLU A 502 23.69 -8.51 -16.74
N ARG A 503 22.38 -8.39 -16.50
N ARG A 503 22.39 -8.41 -16.48
CA ARG A 503 21.66 -7.24 -17.02
CA ARG A 503 21.58 -7.31 -17.00
C ARG A 503 21.11 -6.36 -15.91
C ARG A 503 21.14 -6.35 -15.90
N ALA A 504 21.47 -6.65 -14.65
CA ALA A 504 20.95 -5.88 -13.53
C ALA A 504 21.27 -4.39 -13.67
N GLU A 505 22.49 -4.06 -14.09
CA GLU A 505 22.83 -2.65 -14.18
C GLU A 505 22.02 -1.94 -15.26
N ALA A 506 21.84 -2.60 -16.41
CA ALA A 506 21.09 -1.98 -17.51
C ALA A 506 19.63 -1.83 -17.13
N VAL A 507 19.10 -2.82 -16.42
CA VAL A 507 17.72 -2.74 -15.92
C VAL A 507 17.57 -1.56 -14.97
N ALA A 508 18.51 -1.40 -14.04
CA ALA A 508 18.36 -0.34 -13.05
C ALA A 508 18.36 1.01 -13.73
N ARG A 509 19.25 1.19 -14.71
CA ARG A 509 19.30 2.46 -15.41
C ARG A 509 18.01 2.69 -16.17
N LEU A 510 17.57 1.68 -16.94
CA LEU A 510 16.35 1.84 -17.73
C LEU A 510 15.17 2.16 -16.81
N ALA A 511 15.01 1.38 -15.74
CA ALA A 511 13.87 1.55 -14.82
C ALA A 511 13.84 2.93 -14.23
N LYS A 512 15.00 3.38 -13.74
CA LYS A 512 15.09 4.73 -13.22
C LYS A 512 14.61 5.75 -14.24
N GLU A 513 14.95 5.55 -15.53
CA GLU A 513 14.62 6.58 -16.49
C GLU A 513 13.14 6.53 -16.84
N VAL A 514 12.56 5.34 -16.90
CA VAL A 514 11.12 5.23 -17.11
C VAL A 514 10.37 5.89 -15.97
N MET A 515 10.81 5.65 -14.73
CA MET A 515 10.06 6.22 -13.60
C MET A 515 10.18 7.73 -13.55
N GLU A 516 11.37 8.29 -13.82
CA GLU A 516 11.55 9.74 -13.74
C GLU A 516 10.79 10.49 -14.83
N GLY A 517 10.65 9.89 -16.02
CA GLY A 517 9.99 10.51 -17.15
C GLY A 517 8.56 10.05 -17.37
N VAL A 518 7.95 9.43 -16.35
CA VAL A 518 6.62 8.85 -16.53
C VAL A 518 5.61 9.88 -17.06
N TYR A 519 5.69 11.13 -16.62
CA TYR A 519 4.67 12.14 -16.90
C TYR A 519 5.29 13.43 -16.41
N PRO A 520 5.95 14.19 -17.27
CA PRO A 520 6.72 15.34 -16.80
C PRO A 520 5.82 16.34 -16.10
N LEU A 521 6.32 16.84 -14.97
CA LEU A 521 5.66 17.82 -14.14
C LEU A 521 6.44 19.13 -14.16
N ALA A 522 5.89 20.15 -13.50
CA ALA A 522 6.57 21.42 -13.34
C ALA A 522 7.84 21.30 -12.51
N VAL A 523 8.06 20.17 -11.85
CA VAL A 523 9.34 19.84 -11.22
C VAL A 523 9.78 18.49 -11.76
N PRO A 524 11.05 18.19 -11.68
CA PRO A 524 11.52 16.85 -12.07
C PRO A 524 11.16 15.82 -11.02
N LEU A 525 10.92 14.59 -11.48
CA LEU A 525 10.83 13.45 -10.57
C LEU A 525 12.17 12.74 -10.55
N GLU A 526 12.73 12.57 -9.36
CA GLU A 526 14.01 11.88 -9.19
C GLU A 526 13.79 10.54 -8.50
N VAL A 527 14.60 9.57 -8.89
CA VAL A 527 14.47 8.22 -8.38
C VAL A 527 15.83 7.76 -7.87
N GLU A 528 15.86 7.29 -6.62
CA GLU A 528 17.05 6.65 -6.06
C GLU A 528 16.99 5.16 -6.39
N VAL A 529 18.07 4.63 -6.92
CA VAL A 529 18.09 3.23 -7.33
C VAL A 529 19.25 2.52 -6.67
N GLY A 530 19.04 1.26 -6.30
CA GLY A 530 20.09 0.45 -5.73
C GLY A 530 19.95 -1.00 -6.17
N ILE A 531 21.07 -1.72 -6.07
CA ILE A 531 21.18 -3.11 -6.51
C ILE A 531 21.80 -3.93 -5.39
N GLY A 532 21.20 -5.08 -5.08
CA GLY A 532 21.78 -5.92 -4.03
C GLY A 532 21.19 -7.30 -4.02
N GLU A 533 21.85 -8.19 -3.26
CA GLU A 533 21.36 -9.56 -3.10
C GLU A 533 20.12 -9.62 -2.22
N ASP A 534 19.87 -8.58 -1.42
CA ASP A 534 18.74 -8.59 -0.48
C ASP A 534 18.09 -7.21 -0.46
N TRP A 535 16.84 -7.17 0.02
CA TRP A 535 16.06 -5.94 -0.08
C TRP A 535 16.73 -4.77 0.64
N LEU A 536 17.36 -5.04 1.78
CA LEU A 536 18.03 -3.97 2.52
C LEU A 536 19.24 -3.46 1.76
N SER A 537 20.12 -4.37 1.34
CA SER A 537 21.37 -3.95 0.71
C SER A 537 21.10 -3.22 -0.60
N ALA A 538 19.93 -3.45 -1.21
CA ALA A 538 19.53 -2.75 -2.42
C ALA A 538 19.03 -1.33 -2.20
N LYS A 539 18.83 -0.88 -0.96
CA LYS A 539 18.51 0.53 -0.74
C LYS A 539 19.72 1.27 -0.15
N GLU A 540 20.89 1.08 -0.77
CA GLU A 540 22.11 1.73 -0.29
C GLU A 540 22.34 1.46 1.20
N1 DOC B 12 4.19 4.94 4.20
C2 DOC B 12 3.05 5.69 4.44
N3 DOC B 12 2.78 6.10 5.72
C4 DOC B 12 3.63 5.79 6.72
C5 DOC B 12 4.84 5.07 6.48
C6 DOC B 12 5.09 4.67 5.22
O2 DOC B 12 2.28 5.94 3.49
N4 DOC B 12 3.29 6.17 7.99
C1' DOC B 12 4.34 4.39 2.80
C2' DOC B 12 5.08 5.34 1.88
C3' DOC B 12 6.53 4.83 1.97
C4' DOC B 12 6.30 3.34 2.03
O4' DOC B 12 5.12 3.20 2.87
C5' DOC B 12 7.41 2.52 2.59
O5' DOC B 12 7.75 3.20 3.79
P DOC B 12 8.95 2.35 4.70
OP1 DOC B 12 10.07 1.84 3.71
OP2 DOC B 12 9.32 3.18 5.81
H5 DOC B 12 5.55 4.84 7.29
H6 DOC B 12 5.99 4.13 4.96
HN41 DOC B 12 2.32 6.39 8.20
HN42 DOC B 12 3.99 6.22 8.72
H1' DOC B 12 3.37 4.12 2.38
H2' DOC B 12 5.00 6.36 2.24
H2'' DOC B 12 4.71 5.40 0.85
H3'1 DOC B 12 7.05 5.21 2.85
H3'2 DOC B 12 7.14 5.14 1.13
H4' DOC B 12 6.01 2.98 1.04
H5' DOC B 12 8.27 2.48 1.92
H5'' DOC B 12 7.10 1.48 2.76
C1' 91N C 4 -1.54 14.55 10.36
C10 91N C 4 2.99 10.30 12.07
C11 91N C 4 3.95 9.42 12.54
C12 91N C 4 4.65 8.73 11.54
C2 91N C 4 -0.19 13.25 12.01
C2' 91N C 4 -2.71 13.83 9.56
C3' 91N C 4 -3.70 13.61 10.71
C3A 91N C 4 0.19 12.86 9.88
C4' 91N C 4 -3.49 14.67 11.54
C5 91N C 4 1.06 12.07 7.85
C5' 91N C 4 -3.78 14.35 12.94
C6 91N C 4 1.96 11.21 8.54
C7 91N C 4 1.95 11.20 9.95
C7A 91N C 4 1.03 12.07 10.63
C9 91N C 4 2.85 10.37 10.68
N1 91N C 4 0.79 12.33 11.96
N3 91N C 4 -0.56 13.59 10.77
N4 91N C 4 0.21 12.87 8.51
O3' 91N C 4 -5.02 13.71 10.14
O4' 91N C 4 -2.08 15.09 11.41
O5' 91N C 4 -3.04 15.24 13.75
OP2 91N C 4 -2.52 16.32 16.06
OP1 91N C 4 -3.05 13.90 16.03
P 91N C 4 -3.34 15.25 15.40
S8 91N C 4 4.01 9.26 10.01
H091 91N C 4 -1.15 15.22 9.82
H161 91N C 4 2.46 10.82 12.64
H171 91N C 4 4.12 9.29 13.44
H181 91N C 4 5.32 8.10 11.67
H111 91N C 4 -0.55 13.59 12.79
H241 91N C 4 -2.42 12.99 9.18
H242 91N C 4 -3.09 14.42 8.89
H251 91N C 4 -3.55 12.79 11.15
H071 91N C 4 -4.05 15.38 11.26
H211 91N C 4 1.06 12.07 6.92
H061 91N C 4 -3.53 13.46 13.13
H062 91N C 4 -4.71 14.45 13.10
H201 91N C 4 2.54 10.65 8.07
MG MG D . 9.45 4.81 -0.45
MG MG E . 10.45 7.85 -1.74
C ACT F . -5.15 12.74 -18.59
O ACT F . -6.31 12.33 -18.82
OXT ACT F . -4.84 13.28 -17.52
CH3 ACT F . -4.04 12.60 -19.71
H1 ACT F . -3.93 11.56 -20.01
H2 ACT F . -3.06 12.94 -19.37
H3 ACT F . -4.28 13.16 -20.61
N 91T G . 2.53 10.42 4.55
C 91T G . 3.72 9.65 4.60
O 91T G . 2.10 10.75 3.45
C1 91T G . 4.42 9.29 5.73
C10 91T G . 4.72 10.72 1.55
C11 91T G . 5.99 10.23 0.87
C12 91T G . 5.54 8.90 0.30
C13 91T G . 6.64 7.91 -0.04
C2 91T G . 5.58 8.60 5.31
C3 91T G . 6.65 8.12 6.13
C4 91T G . 7.59 7.77 6.76
C5 91T G . 8.85 7.46 7.44
C6 91T G . 8.80 6.24 8.35
C7 91T G . 9.82 5.20 7.93
C8 91T G . 5.53 8.54 3.98
C9 91T G . 4.11 9.43 2.08
N1 91T G . 4.42 9.19 3.51
O1 91T G . 1.99 10.72 5.62
O10 91T G . 9.04 11.57 0.54
O11 91T G . 11.23 10.39 0.53
O12 91T G . 13.23 9.15 1.42
O13 91T G . 12.17 8.36 -0.70
O14 91T G . 13.43 10.56 -0.60
O15 91T G . 4.68 8.35 1.32
O2 91T G . 7.48 5.68 8.28
O3 91T G . 11.13 5.71 7.75
O4 91T G . 6.39 11.11 -0.19
O5 91T G . 7.38 7.61 1.16
O6 91T G . 9.63 7.08 0.14
O7 91T G . 9.39 6.99 2.63
O8 91T G . 9.22 9.24 1.41
O9 91T G . 9.34 9.67 -1.06
P 91T G . 8.94 7.68 1.40
P1 91T G . 9.67 10.23 0.25
P2 91T G . 12.53 9.56 0.11
H4 91T G . 4.13 9.51 6.75
H13 91T G . 4.08 11.26 0.86
H12 91T G . 4.91 11.45 2.34
H2 91T G . 6.82 10.16 1.58
H3 91T G . 4.92 9.06 -0.58
H15 91T G . 7.31 8.41 -0.75
H16 91T G . 6.29 6.99 -0.50
H5 91T G . 9.21 8.34 7.97
H6 91T G . 9.58 7.33 6.64
H 91T G . 8.90 6.52 9.40
H8 91T G . 9.51 4.71 7.01
H9 91T G . 9.82 4.42 8.69
H11 91T G . 6.23 8.07 3.29
H1 91T G . 3.03 9.41 1.92
H21 91T G . 13.60 8.23 1.46
H7 91T G . 7.16 5.51 9.21
H10 91T G . 11.04 6.60 7.33
H14 91T G . 5.60 11.29 -0.77
H22 91T G . 9.19 6.70 -0.67
H20 91T G . 13.12 11.48 -0.82
H24 91T G . 8.65 12.00 1.35
N 91R H . 2.55 10.54 4.48
C 91R H . 3.73 9.75 4.56
O 91R H . 2.13 10.85 3.37
C1 91R H . 4.41 9.39 5.69
C10 91R H . 4.74 10.75 1.48
C11 91R H . 5.98 10.24 0.76
C12 91R H . 5.51 8.90 0.24
C13 91R H . 6.60 7.91 -0.10
C2 91R H . 5.55 8.64 5.29
C3 91R H . 6.56 8.06 6.13
C4 91R H . 7.44 7.57 6.76
C5 91R H . 8.67 7.09 7.41
C6 91R H . 8.65 5.61 7.77
C7 91R H . 10.06 5.08 7.95
C8 91R H . 5.53 8.58 3.97
C9 91R H . 4.13 9.46 2.04
N1 91R H . 4.43 9.25 3.47
O1 91R H . 1.99 10.86 5.53
O10 91R H . 8.94 11.55 0.44
O11 91R H . 11.14 10.40 0.53
O12 91R H . 13.33 10.62 -0.70
O13 91R H . 13.17 9.12 1.29
O14 91R H . 12.05 8.45 -0.76
O15 91R H . 4.69 8.38 1.30
O2 91R H . 7.91 5.44 8.98
O3 91R H . 10.07 3.69 8.22
O4 91R H . 6.36 11.09 -0.33
O5 91R H . 7.27 7.55 1.12
O6 91R H . 9.49 7.02 0.06
O7 91R H . 9.26 7.05 2.57
O8 91R H . 9.09 9.23 1.30
O9 91R H . 9.34 9.68 -1.16
P 91R H . 8.83 7.66 1.24
P1 91R H . 9.59 10.23 0.18
P2 91R H . 12.47 9.67 0.04
H4 91R H . 4.16 9.61 6.73
H12 91R H . 4.01 11.22 0.83
H13 91R H . 4.92 11.51 2.23
H2 91R H . 6.83 10.16 1.45
H3 91R H . 4.87 9.04 -0.63
H15 91R H . 6.21 7.06 -0.65
H16 91R H . 7.32 8.39 -0.76
H5 91R H . 9.50 7.35 6.74
H6 91R H . 8.85 7.67 8.31
H 91R H . 8.07 5.03 7.05
H8 91R H . 10.64 5.21 7.04
H9 91R H . 10.60 5.62 8.72
H11 91R H . 6.22 8.08 3.29
H1 91R H . 3.04 9.43 1.90
H24 91R H . 8.65 12.17 1.17
H19 91R H . 13.91 8.46 1.23
H20 91R H . 11.32 7.88 -0.41
H7 91R H . 8.13 6.21 9.56
H10 91R H . 10.74 3.30 7.59
H14 91R H . 6.24 12.04 -0.05
H17 91R H . 8.86 7.29 3.45
C1 GOL I . -0.50 8.77 11.82
O1 GOL I . -1.52 9.27 10.96
C2 GOL I . 0.19 7.53 11.29
O2 GOL I . -0.77 6.52 10.94
C3 GOL I . 1.16 6.95 12.30
O3 GOL I . 1.83 5.79 11.81
H11 GOL I . -0.91 8.58 12.81
H12 GOL I . 0.26 9.53 11.99
HO1 GOL I . -2.15 8.51 10.83
H2 GOL I . 0.68 7.72 10.35
HO2 GOL I . -1.47 6.95 10.37
H31 GOL I . 0.67 6.73 13.25
H32 GOL I . 1.98 7.64 12.53
HO3 GOL I . 1.25 5.00 11.97
C1 GOL J . -4.86 8.35 10.81
O1 GOL J . -5.92 8.27 11.77
C2 GOL J . -5.00 7.23 9.79
O2 GOL J . -3.73 6.58 9.59
C3 GOL J . -5.59 7.70 8.48
O3 GOL J . -6.43 6.72 7.89
H11 GOL J . -4.88 9.32 10.32
H12 GOL J . -3.89 8.27 11.29
HO1 GOL J . -6.39 9.14 11.71
H2 GOL J . -5.60 6.41 10.20
HO2 GOL J . -3.04 7.28 9.46
H31 GOL J . -4.82 8.03 7.78
H32 GOL J . -6.25 8.55 8.63
HO3 GOL J . -7.05 7.18 7.26
#